data_5JCJ
#
_entry.id   5JCJ
#
_cell.length_a   74.330
_cell.length_b   89.370
_cell.length_c   82.750
_cell.angle_alpha   90.00
_cell.angle_beta   115.41
_cell.angle_gamma   90.00
#
_symmetry.space_group_name_H-M   'P 1 21 1'
#
loop_
_entity.id
_entity.type
_entity.pdbx_description
1 polymer 'Pteridine reductase'
2 polymer 'Pteridine reductase'
3 non-polymer 'NADP NICOTINAMIDE-ADENINE-DINUCLEOTIDE PHOSPHATE'
4 non-polymer 'ACETATE ION'
5 non-polymer 2-(3,4-dihydroxyphenyl)-3,6-dihydroxy-4H-1-benzopyran-4-one
6 water water
#
loop_
_entity_poly.entity_id
_entity_poly.type
_entity_poly.pdbx_seq_one_letter_code
_entity_poly.pdbx_strand_id
1 'polypeptide(L)'
;MGSSHHHHHHSSGLVPRGSHMEAPAAVVTGAAKRIGRAIAVKLHQTGYRVVIHYHNSAEAAVSLADELNKERSNTAVVCQ
ADLTNSNVLPASCEEIINSCFRAFGRCDVLVNNASAFYPTPLVQGDHEDNSNGKTVETQVAELIGTNAIAPFLLTMSFAQ
RQKGTNPNCTSSNLSIVNLCDAMVDQPCMAFSLYNMGKHALVGLTQSAALELAPYGIRVNGVAPGVSLLPVAMGEEEKDK
WRRKVPLGRREASAEQIADAVIFLVSGSAQYITGSIIKVDGGLSLVHA
;
A,B,C
2 'polypeptide(L)'
;MGSSHHHHHHSSGLVPRGSHMEAPAAVVTGAAKRIGRAIAVKLHQTGYRVVIHYHNSAEAAVSLADELNKERSNTAVVCQ
ADLTNSNVLPASCEEIINSCFRAFGRCDVLVNNASAFYPTPLVQGDHEDNSNGKTVETQVAELIGTNAIAPFLLTMSFAQ
RQKGTNPNCTSSNLSIVNLCDAMVDQP(CSX)MAFSLYNMGKHALVGLTQSAALELAPYGIRVNGVAPGVSLLPVAMGEE
EKDKWRRKVPLGRREASAEQIADAVIFLVSGSAQYITGSIIKVDGGLSLVHA
;
D
#
loop_
_chem_comp.id
_chem_comp.type
_chem_comp.name
_chem_comp.formula
6JM non-polymer 2-(3,4-dihydroxyphenyl)-3,6-dihydroxy-4H-1-benzopyran-4-one 'C15 H10 O6'
ACT non-polymer 'ACETATE ION' 'C2 H3 O2 -1'
NAP non-polymer 'NADP NICOTINAMIDE-ADENINE-DINUCLEOTIDE PHOSPHATE' 'C21 H28 N7 O17 P3'
#
# COMPACT_ATOMS: atom_id res chain seq x y z
N GLU A 22 15.97 -17.47 -33.90
CA GLU A 22 16.82 -18.00 -32.77
C GLU A 22 16.04 -18.01 -31.44
N ALA A 23 16.62 -18.66 -30.45
CA ALA A 23 16.03 -18.76 -29.13
C ALA A 23 16.32 -17.46 -28.41
N PRO A 24 15.37 -16.96 -27.56
CA PRO A 24 15.76 -15.82 -26.77
C PRO A 24 16.79 -16.22 -25.65
N ALA A 25 17.37 -15.20 -25.01
CA ALA A 25 18.42 -15.40 -24.03
C ALA A 25 18.09 -14.62 -22.75
N ALA A 26 18.46 -15.21 -21.61
CA ALA A 26 18.16 -14.59 -20.32
C ALA A 26 19.38 -14.58 -19.45
N VAL A 27 19.54 -13.51 -18.67
CA VAL A 27 20.54 -13.50 -17.55
C VAL A 27 19.77 -13.72 -16.21
N VAL A 28 20.23 -14.70 -15.41
CA VAL A 28 19.70 -14.92 -14.06
C VAL A 28 20.87 -14.69 -13.08
N THR A 29 20.74 -13.71 -12.18
CA THR A 29 21.80 -13.47 -11.18
C THR A 29 21.61 -14.40 -10.01
N GLY A 30 22.73 -14.79 -9.38
CA GLY A 30 22.69 -15.78 -8.31
C GLY A 30 21.98 -17.05 -8.67
N ALA A 31 22.28 -17.57 -9.86
CA ALA A 31 21.53 -18.69 -10.46
C ALA A 31 22.12 -20.08 -10.23
N ALA A 32 23.15 -20.22 -9.39
CA ALA A 32 23.71 -21.58 -9.18
C ALA A 32 22.86 -22.54 -8.36
N LYS A 33 22.04 -22.00 -7.47
CA LYS A 33 21.36 -22.80 -6.45
C LYS A 33 19.97 -22.23 -6.22
N ARG A 34 19.12 -23.06 -5.59
CA ARG A 34 17.96 -22.50 -4.90
C ARG A 34 17.01 -21.82 -5.90
N ILE A 35 16.45 -20.65 -5.58
CA ILE A 35 15.44 -20.05 -6.50
C ILE A 35 16.01 -19.63 -7.86
N GLY A 36 17.20 -19.04 -7.82
CA GLY A 36 17.90 -18.62 -9.03
C GLY A 36 18.07 -19.80 -10.01
N ARG A 37 18.44 -20.97 -9.47
CA ARG A 37 18.57 -22.17 -10.33
C ARG A 37 17.23 -22.59 -10.93
N ALA A 38 16.20 -22.53 -10.10
CA ALA A 38 14.89 -22.99 -10.54
C ALA A 38 14.37 -22.10 -11.67
N ILE A 39 14.66 -20.80 -11.57
CA ILE A 39 14.27 -19.82 -12.58
C ILE A 39 15.09 -20.11 -13.88
N ALA A 40 16.41 -20.24 -13.77
CA ALA A 40 17.22 -20.60 -14.97
C ALA A 40 16.74 -21.93 -15.62
N VAL A 41 16.41 -22.92 -14.82
CA VAL A 41 15.94 -24.22 -15.37
C VAL A 41 14.59 -24.08 -16.10
N LYS A 42 13.64 -23.37 -15.47
CA LYS A 42 12.33 -23.14 -16.07
C LYS A 42 12.45 -22.29 -17.36
N LEU A 43 13.26 -21.22 -17.30
CA LEU A 43 13.59 -20.44 -18.50
C LEU A 43 14.16 -21.37 -19.62
N HIS A 44 15.09 -22.18 -19.23
CA HIS A 44 15.72 -23.05 -20.21
C HIS A 44 14.68 -24.05 -20.78
N GLN A 45 13.84 -24.63 -19.93
CA GLN A 45 12.80 -25.58 -20.38
C GLN A 45 11.74 -24.93 -21.27
N THR A 46 11.59 -23.60 -21.17
CA THR A 46 10.70 -22.81 -22.01
C THR A 46 11.33 -22.46 -23.33
N GLY A 47 12.64 -22.71 -23.48
CA GLY A 47 13.32 -22.45 -24.72
C GLY A 47 14.36 -21.35 -24.71
N TYR A 48 14.63 -20.78 -23.53
CA TYR A 48 15.66 -19.72 -23.43
C TYR A 48 17.05 -20.34 -23.34
N ARG A 49 18.01 -19.57 -23.83
CA ARG A 49 19.44 -19.74 -23.54
C ARG A 49 19.71 -18.89 -22.32
N VAL A 50 20.60 -19.36 -21.43
CA VAL A 50 20.71 -18.72 -20.14
C VAL A 50 22.17 -18.40 -19.78
N VAL A 51 22.38 -17.25 -19.16
CA VAL A 51 23.62 -16.93 -18.47
C VAL A 51 23.36 -17.18 -16.99
N ILE A 52 24.13 -18.10 -16.42
CA ILE A 52 24.03 -18.47 -15.06
C ILE A 52 25.08 -17.59 -14.33
N HIS A 53 24.66 -16.47 -13.75
CA HIS A 53 25.60 -15.67 -12.91
C HIS A 53 25.75 -16.35 -11.56
N TYR A 54 26.95 -16.21 -10.98
CA TYR A 54 27.23 -16.68 -9.65
C TYR A 54 28.38 -15.83 -9.03
N HIS A 55 28.56 -15.94 -7.74
CA HIS A 55 29.60 -15.15 -7.05
C HIS A 55 30.63 -16.20 -6.45
N ASN A 56 30.22 -16.98 -5.46
CA ASN A 56 31.06 -17.99 -4.79
C ASN A 56 30.78 -19.43 -5.23
N SER A 57 29.58 -19.66 -5.76
CA SER A 57 29.08 -21.04 -6.00
C SER A 57 29.51 -21.58 -7.38
N ALA A 58 30.82 -21.65 -7.58
CA ALA A 58 31.42 -21.99 -8.88
C ALA A 58 31.10 -23.40 -9.34
N GLU A 59 31.25 -24.37 -8.43
CA GLU A 59 31.04 -25.80 -8.78
C GLU A 59 29.56 -25.97 -9.16
N ALA A 60 28.69 -25.37 -8.33
CA ALA A 60 27.25 -25.55 -8.57
C ALA A 60 26.82 -24.91 -9.89
N ALA A 61 27.43 -23.77 -10.26
CA ALA A 61 27.11 -23.04 -11.49
C ALA A 61 27.49 -23.85 -12.74
N VAL A 62 28.74 -24.29 -12.77
CA VAL A 62 29.26 -25.10 -13.93
C VAL A 62 28.47 -26.37 -14.08
N SER A 63 28.13 -26.99 -12.94
CA SER A 63 27.34 -28.18 -12.91
C SER A 63 25.95 -27.96 -13.53
N LEU A 64 25.30 -26.84 -13.18
CA LEU A 64 24.02 -26.48 -13.76
C LEU A 64 24.18 -26.21 -15.27
N ALA A 65 25.17 -25.41 -15.67
CA ALA A 65 25.36 -25.21 -17.11
C ALA A 65 25.62 -26.51 -17.90
N ASP A 66 26.42 -27.44 -17.32
CA ASP A 66 26.66 -28.76 -17.94
C ASP A 66 25.37 -29.53 -18.13
N GLU A 67 24.51 -29.54 -17.11
CA GLU A 67 23.25 -30.25 -17.23
C GLU A 67 22.39 -29.62 -18.31
N LEU A 68 22.38 -28.27 -18.36
CA LEU A 68 21.53 -27.59 -19.34
C LEU A 68 22.05 -27.75 -20.76
N ASN A 69 23.37 -27.65 -20.94
CA ASN A 69 24.01 -27.91 -22.26
C ASN A 69 23.86 -29.37 -22.76
N LYS A 70 23.75 -30.33 -21.84
CA LYS A 70 23.56 -31.74 -22.23
C LYS A 70 22.12 -31.98 -22.71
N GLU A 71 21.21 -31.10 -22.31
CA GLU A 71 19.85 -31.12 -22.83
C GLU A 71 19.79 -30.46 -24.23
N ARG A 72 20.46 -29.30 -24.39
CA ARG A 72 20.53 -28.60 -25.66
C ARG A 72 21.88 -27.94 -25.74
N SER A 73 22.69 -28.29 -26.76
CA SER A 73 24.05 -27.76 -26.83
C SER A 73 24.12 -26.24 -26.98
N ASN A 74 25.14 -25.66 -26.31
CA ASN A 74 25.47 -24.25 -26.42
C ASN A 74 24.27 -23.39 -25.98
N THR A 75 23.56 -23.83 -24.95
CA THR A 75 22.40 -23.02 -24.52
C THR A 75 22.62 -22.47 -23.09
N ALA A 76 23.73 -22.79 -22.43
CA ALA A 76 24.01 -22.21 -21.11
C ALA A 76 25.49 -21.85 -20.98
N VAL A 77 25.75 -20.67 -20.44
CA VAL A 77 27.09 -20.22 -19.97
C VAL A 77 27.04 -19.75 -18.50
N VAL A 78 28.20 -19.73 -17.85
CA VAL A 78 28.31 -19.18 -16.51
C VAL A 78 28.98 -17.80 -16.57
N CYS A 79 28.80 -16.98 -15.54
CA CYS A 79 29.46 -15.68 -15.45
C CYS A 79 29.68 -15.29 -14.00
N GLN A 80 30.93 -15.11 -13.59
CA GLN A 80 31.22 -14.78 -12.19
C GLN A 80 31.22 -13.28 -11.94
N ALA A 81 30.62 -12.83 -10.83
CA ALA A 81 30.77 -11.42 -10.38
C ALA A 81 30.35 -11.27 -8.94
N ASP A 82 31.10 -10.45 -8.21
CA ASP A 82 30.66 -9.89 -6.97
C ASP A 82 29.71 -8.74 -7.27
N LEU A 83 28.56 -8.77 -6.62
CA LEU A 83 27.59 -7.76 -6.78
C LEU A 83 27.56 -6.78 -5.63
N THR A 84 28.56 -6.88 -4.73
CA THR A 84 28.69 -5.96 -3.59
C THR A 84 28.93 -4.55 -4.18
N ASN A 85 28.42 -3.48 -3.55
CA ASN A 85 28.63 -2.13 -4.13
C ASN A 85 30.12 -1.72 -4.06
N SER A 86 30.65 -1.10 -5.14
CA SER A 86 31.99 -0.46 -5.14
C SER A 86 32.08 0.36 -6.40
N ASN A 87 33.23 1.03 -6.57
CA ASN A 87 33.42 1.80 -7.76
C ASN A 87 33.53 0.99 -9.05
N VAL A 88 33.77 -0.31 -8.91
CA VAL A 88 33.84 -1.21 -10.08
CA VAL A 88 33.87 -1.27 -10.02
C VAL A 88 32.50 -1.93 -10.33
N LEU A 89 31.54 -1.80 -9.43
CA LEU A 89 30.26 -2.55 -9.65
C LEU A 89 29.64 -2.19 -11.03
N PRO A 90 29.72 -0.93 -11.50
CA PRO A 90 29.11 -0.67 -12.81
C PRO A 90 29.77 -1.49 -13.92
N ALA A 91 31.10 -1.60 -13.85
CA ALA A 91 31.76 -2.50 -14.81
C ALA A 91 31.39 -3.96 -14.70
N SER A 92 31.26 -4.49 -13.49
CA SER A 92 30.87 -5.87 -13.36
C SER A 92 29.46 -6.14 -13.95
N CYS A 93 28.55 -5.21 -13.71
CA CYS A 93 27.18 -5.37 -14.24
C CYS A 93 27.15 -5.26 -15.76
N GLU A 94 27.89 -4.27 -16.29
CA GLU A 94 28.06 -4.17 -17.74
C GLU A 94 28.58 -5.51 -18.28
N GLU A 95 29.47 -6.16 -17.54
CA GLU A 95 30.13 -7.35 -18.06
C GLU A 95 29.18 -8.52 -18.06
N ILE A 96 28.31 -8.59 -17.05
CA ILE A 96 27.29 -9.67 -17.02
C ILE A 96 26.38 -9.61 -18.26
N ILE A 97 25.91 -8.43 -18.57
CA ILE A 97 25.03 -8.25 -19.69
C ILE A 97 25.84 -8.53 -20.97
N ASN A 98 27.04 -7.95 -21.09
CA ASN A 98 27.93 -8.31 -22.21
C ASN A 98 28.12 -9.79 -22.45
N SER A 99 28.19 -10.57 -21.35
CA SER A 99 28.39 -12.02 -21.44
CA SER A 99 28.40 -12.02 -21.44
C SER A 99 27.24 -12.74 -22.15
N CYS A 100 26.03 -12.17 -22.02
CA CYS A 100 24.88 -12.72 -22.71
C CYS A 100 24.98 -12.40 -24.21
N PHE A 101 25.31 -11.16 -24.53
CA PHE A 101 25.52 -10.81 -25.94
C PHE A 101 26.69 -11.58 -26.56
N ARG A 102 27.75 -11.81 -25.80
CA ARG A 102 28.92 -12.49 -26.35
C ARG A 102 28.53 -13.94 -26.62
N ALA A 103 27.78 -14.55 -25.68
CA ALA A 103 27.42 -15.93 -25.82
C ALA A 103 26.32 -16.16 -26.85
N PHE A 104 25.29 -15.31 -26.87
CA PHE A 104 24.01 -15.64 -27.56
C PHE A 104 23.56 -14.60 -28.58
N GLY A 105 24.24 -13.46 -28.64
CA GLY A 105 23.93 -12.45 -29.65
C GLY A 105 22.74 -11.59 -29.30
N ARG A 106 22.17 -11.82 -28.13
CA ARG A 106 20.97 -11.05 -27.69
C ARG A 106 20.80 -11.17 -26.18
N CYS A 107 19.91 -10.37 -25.60
CA CYS A 107 19.60 -10.51 -24.20
C CYS A 107 18.18 -9.99 -24.04
N ASP A 108 17.27 -10.94 -23.85
CA ASP A 108 15.82 -10.64 -23.85
C ASP A 108 15.24 -10.40 -22.46
N VAL A 109 15.84 -11.07 -21.46
CA VAL A 109 15.28 -11.13 -20.12
C VAL A 109 16.41 -10.99 -19.11
N LEU A 110 16.16 -10.20 -18.07
CA LEU A 110 17.07 -10.09 -16.94
C LEU A 110 16.31 -10.46 -15.70
N VAL A 111 16.81 -11.43 -14.91
CA VAL A 111 16.23 -11.77 -13.62
C VAL A 111 17.21 -11.34 -12.53
N ASN A 112 16.81 -10.36 -11.73
CA ASN A 112 17.67 -9.89 -10.61
C ASN A 112 17.26 -10.70 -9.40
N ASN A 113 18.01 -11.76 -9.14
CA ASN A 113 17.68 -12.71 -8.12
C ASN A 113 18.72 -12.72 -6.95
N ALA A 114 19.98 -12.36 -7.25
CA ALA A 114 21.09 -12.47 -6.25
C ALA A 114 20.75 -11.62 -5.02
N SER A 115 21.09 -12.07 -3.82
CA SER A 115 20.68 -11.27 -2.69
C SER A 115 21.59 -11.64 -1.54
N ALA A 116 22.09 -10.64 -0.83
CA ALA A 116 22.70 -10.88 0.51
C ALA A 116 21.59 -10.71 1.50
N PHE A 117 21.63 -11.50 2.57
CA PHE A 117 20.57 -11.54 3.56
C PHE A 117 21.16 -11.87 4.92
N TYR A 118 21.15 -10.92 5.85
CA TYR A 118 21.60 -11.20 7.24
C TYR A 118 21.27 -9.97 8.09
N PRO A 119 21.19 -10.17 9.43
CA PRO A 119 20.78 -9.07 10.32
C PRO A 119 21.82 -7.95 10.42
N THR A 120 21.36 -6.72 10.64
CA THR A 120 22.21 -5.57 10.87
C THR A 120 21.56 -4.80 12.03
N PRO A 121 21.71 -5.31 13.28
CA PRO A 121 20.96 -4.63 14.38
C PRO A 121 21.37 -3.14 14.59
N LEU A 122 20.39 -2.28 14.91
CA LEU A 122 20.64 -0.87 15.14
C LEU A 122 21.36 -0.56 16.45
N VAL A 123 21.07 -1.34 17.49
CA VAL A 123 21.69 -1.14 18.80
C VAL A 123 22.59 -2.32 19.16
N GLY A 133 32.02 -8.95 12.89
CA GLY A 133 33.16 -9.14 11.99
C GLY A 133 33.13 -8.01 11.00
N LYS A 134 32.14 -8.03 10.09
CA LYS A 134 31.98 -7.00 9.05
C LYS A 134 31.73 -5.61 9.60
N THR A 135 32.39 -4.63 8.97
CA THR A 135 32.22 -3.23 9.29
C THR A 135 30.86 -2.78 8.71
N VAL A 136 30.35 -1.67 9.21
CA VAL A 136 29.02 -1.21 8.76
C VAL A 136 29.10 -0.84 7.27
N GLU A 137 30.22 -0.26 6.84
CA GLU A 137 30.35 0.10 5.45
C GLU A 137 30.31 -1.15 4.57
N THR A 138 30.87 -2.26 5.03
CA THR A 138 30.75 -3.51 4.27
C THR A 138 29.31 -4.05 4.24
N GLN A 139 28.60 -3.99 5.36
CA GLN A 139 27.20 -4.42 5.39
C GLN A 139 26.35 -3.59 4.38
N VAL A 140 26.57 -2.27 4.37
CA VAL A 140 25.83 -1.40 3.46
C VAL A 140 26.17 -1.82 2.05
N ALA A 141 27.47 -2.01 1.76
CA ALA A 141 27.85 -2.34 0.38
C ALA A 141 27.21 -3.65 -0.10
N GLU A 142 27.15 -4.64 0.77
CA GLU A 142 26.62 -5.95 0.37
C GLU A 142 25.12 -5.99 0.35
N LEU A 143 24.49 -5.43 1.38
CA LEU A 143 23.06 -5.62 1.48
C LEU A 143 22.39 -4.62 0.55
N ILE A 144 22.91 -3.40 0.44
CA ILE A 144 22.33 -2.42 -0.52
C ILE A 144 22.84 -2.73 -1.95
N GLY A 145 24.09 -3.09 -2.06
CA GLY A 145 24.65 -3.38 -3.36
C GLY A 145 23.96 -4.51 -4.09
N THR A 146 23.85 -5.66 -3.44
CA THR A 146 23.32 -6.83 -4.11
C THR A 146 21.85 -6.65 -4.34
N ASN A 147 21.15 -6.10 -3.35
CA ASN A 147 19.69 -6.04 -3.41
C ASN A 147 19.13 -4.91 -4.25
N ALA A 148 19.91 -3.85 -4.48
CA ALA A 148 19.32 -2.65 -5.10
C ALA A 148 20.25 -1.98 -6.11
N ILE A 149 21.53 -1.77 -5.76
CA ILE A 149 22.41 -1.01 -6.65
CA ILE A 149 22.41 -1.01 -6.64
C ILE A 149 22.77 -1.86 -7.86
N ALA A 150 23.14 -3.11 -7.64
CA ALA A 150 23.42 -4.01 -8.78
C ALA A 150 22.20 -4.17 -9.71
N PRO A 151 20.97 -4.40 -9.14
CA PRO A 151 19.81 -4.47 -10.05
C PRO A 151 19.69 -3.20 -10.89
N PHE A 152 19.99 -2.03 -10.30
CA PHE A 152 19.83 -0.74 -10.98
C PHE A 152 20.85 -0.71 -12.09
N LEU A 153 22.09 -1.14 -11.77
CA LEU A 153 23.18 -1.02 -12.81
C LEU A 153 22.99 -2.04 -13.93
N LEU A 154 22.50 -3.20 -13.55
CA LEU A 154 22.23 -4.23 -14.57
C LEU A 154 21.09 -3.82 -15.42
N THR A 155 20.11 -3.14 -14.83
CA THR A 155 18.98 -2.58 -15.60
C THR A 155 19.49 -1.53 -16.61
N MET A 156 20.30 -0.57 -16.16
CA MET A 156 20.93 0.41 -17.08
C MET A 156 21.69 -0.33 -18.21
N SER A 157 22.58 -1.26 -17.87
CA SER A 157 23.31 -1.99 -18.92
C SER A 157 22.37 -2.76 -19.87
N PHE A 158 21.33 -3.40 -19.31
CA PHE A 158 20.44 -4.25 -20.13
C PHE A 158 19.73 -3.36 -21.14
N ALA A 159 19.30 -2.18 -20.69
CA ALA A 159 18.54 -1.30 -21.56
C ALA A 159 19.50 -0.62 -22.56
N GLN A 160 20.70 -0.24 -22.10
CA GLN A 160 21.63 0.46 -23.01
C GLN A 160 22.16 -0.45 -24.12
N ARG A 161 22.37 -1.72 -23.79
CA ARG A 161 22.76 -2.71 -24.79
C ARG A 161 21.69 -3.06 -25.83
N GLN A 162 20.43 -2.68 -25.62
CA GLN A 162 19.40 -2.88 -26.64
C GLN A 162 19.54 -1.83 -27.73
N SER A 172 9.65 -9.56 -30.55
CA SER A 172 10.46 -9.48 -29.33
C SER A 172 9.62 -9.17 -28.05
N ASN A 173 10.13 -9.66 -26.92
CA ASN A 173 9.42 -9.53 -25.65
C ASN A 173 10.51 -9.33 -24.59
N LEU A 174 10.99 -8.07 -24.44
CA LEU A 174 12.02 -7.77 -23.43
C LEU A 174 11.38 -7.50 -22.06
N SER A 175 11.92 -8.14 -21.03
CA SER A 175 11.47 -7.73 -19.69
C SER A 175 12.55 -8.01 -18.66
N ILE A 176 12.34 -7.42 -17.48
CA ILE A 176 13.22 -7.60 -16.34
C ILE A 176 12.29 -8.05 -15.21
N VAL A 177 12.72 -9.04 -14.47
CA VAL A 177 11.98 -9.44 -13.26
C VAL A 177 12.89 -9.30 -12.01
N ASN A 178 12.43 -8.55 -11.02
CA ASN A 178 13.19 -8.35 -9.80
C ASN A 178 12.62 -9.24 -8.70
N LEU A 179 13.44 -10.00 -7.99
CA LEU A 179 12.96 -10.79 -6.84
C LEU A 179 12.88 -9.90 -5.60
N CYS A 180 11.65 -9.65 -5.17
CA CYS A 180 11.36 -8.65 -4.15
C CYS A 180 11.14 -9.44 -2.85
N ASP A 181 10.30 -8.95 -1.94
CA ASP A 181 10.09 -9.64 -0.71
C ASP A 181 8.66 -9.28 -0.27
N ALA A 182 7.80 -10.29 -0.10
CA ALA A 182 6.38 -10.05 0.20
C ALA A 182 6.23 -9.38 1.60
N MET A 183 7.24 -9.56 2.46
CA MET A 183 7.10 -9.13 3.88
C MET A 183 7.84 -7.83 4.17
N VAL A 184 8.11 -7.08 3.12
CA VAL A 184 8.87 -5.83 3.18
C VAL A 184 8.24 -4.80 4.13
N ASP A 185 6.92 -4.80 4.23
CA ASP A 185 6.23 -3.94 5.19
C ASP A 185 5.92 -4.52 6.56
N GLN A 186 6.28 -5.78 6.79
CA GLN A 186 6.19 -6.39 8.10
C GLN A 186 7.53 -7.06 8.35
N PRO A 187 8.59 -6.26 8.56
CA PRO A 187 9.92 -6.81 8.43
C PRO A 187 10.37 -7.65 9.63
N CYS A 188 11.28 -8.59 9.40
CA CYS A 188 11.97 -9.29 10.49
C CYS A 188 12.77 -8.30 11.36
N MET A 189 12.72 -8.52 12.66
CA MET A 189 13.43 -7.67 13.63
C MET A 189 14.92 -7.63 13.29
N ALA A 190 15.53 -6.43 13.30
CA ALA A 190 16.97 -6.24 13.10
C ALA A 190 17.54 -6.52 11.70
N PHE A 191 16.68 -6.42 10.69
CA PHE A 191 17.13 -6.56 9.34
C PHE A 191 16.93 -5.21 8.60
N SER A 192 17.24 -4.04 9.20
CA SER A 192 16.97 -2.75 8.53
CA SER A 192 17.04 -2.72 8.56
C SER A 192 17.67 -2.63 7.16
N LEU A 193 18.92 -3.01 7.03
CA LEU A 193 19.59 -2.80 5.74
C LEU A 193 19.03 -3.65 4.61
N TYR A 194 18.82 -4.92 4.93
CA TYR A 194 18.15 -5.83 4.01
C TYR A 194 16.79 -5.23 3.59
N ASN A 195 16.02 -4.77 4.56
CA ASN A 195 14.68 -4.23 4.24
CA ASN A 195 14.68 -4.29 4.17
C ASN A 195 14.76 -2.98 3.39
N MET A 196 15.75 -2.12 3.72
CA MET A 196 16.03 -0.94 2.92
C MET A 196 16.29 -1.29 1.47
N GLY A 197 17.14 -2.27 1.28
CA GLY A 197 17.53 -2.74 -0.02
C GLY A 197 16.33 -3.25 -0.78
N LYS A 198 15.51 -4.08 -0.15
CA LYS A 198 14.34 -4.59 -0.88
C LYS A 198 13.32 -3.50 -1.15
N HIS A 199 13.18 -2.53 -0.27
CA HIS A 199 12.30 -1.39 -0.59
C HIS A 199 12.84 -0.61 -1.76
N ALA A 200 14.15 -0.45 -1.79
CA ALA A 200 14.76 0.30 -2.95
C ALA A 200 14.49 -0.45 -4.23
N LEU A 201 14.45 -1.78 -4.12
CA LEU A 201 14.24 -2.62 -5.31
C LEU A 201 12.82 -2.45 -5.83
N VAL A 202 11.85 -2.35 -4.90
CA VAL A 202 10.47 -1.94 -5.32
C VAL A 202 10.46 -0.61 -6.04
N GLY A 203 11.14 0.40 -5.46
CA GLY A 203 11.32 1.66 -6.13
C GLY A 203 11.89 1.53 -7.51
N LEU A 204 12.95 0.71 -7.64
CA LEU A 204 13.56 0.52 -8.94
C LEU A 204 12.56 -0.12 -9.90
N THR A 205 11.81 -1.13 -9.43
CA THR A 205 10.88 -1.80 -10.30
C THR A 205 9.91 -0.77 -10.92
N GLN A 206 9.40 0.15 -10.07
CA GLN A 206 8.41 1.11 -10.50
C GLN A 206 9.02 2.19 -11.45
N SER A 207 10.13 2.79 -11.00
CA SER A 207 10.85 3.81 -11.76
C SER A 207 11.32 3.29 -13.13
N ALA A 208 11.92 2.09 -13.12
CA ALA A 208 12.39 1.48 -14.37
C ALA A 208 11.24 1.10 -15.27
N ALA A 209 10.16 0.52 -14.72
CA ALA A 209 9.04 0.10 -15.56
C ALA A 209 8.57 1.31 -16.34
N LEU A 210 8.43 2.38 -15.69
CA LEU A 210 7.95 3.67 -16.17
C LEU A 210 8.90 4.34 -17.17
N GLU A 211 10.18 4.36 -16.86
CA GLU A 211 11.19 4.94 -17.77
C GLU A 211 11.45 4.04 -18.97
N LEU A 212 11.32 2.71 -18.81
CA LEU A 212 11.64 1.78 -19.90
C LEU A 212 10.45 1.34 -20.78
N ALA A 213 9.27 1.72 -20.33
CA ALA A 213 8.04 1.40 -21.08
C ALA A 213 8.10 1.86 -22.56
N PRO A 214 8.54 3.11 -22.84
CA PRO A 214 8.71 3.57 -24.23
C PRO A 214 9.68 2.72 -25.07
N TYR A 215 10.60 2.00 -24.44
CA TYR A 215 11.54 1.13 -25.16
C TYR A 215 10.98 -0.28 -25.33
N GLY A 216 9.75 -0.50 -24.86
CA GLY A 216 9.14 -1.80 -24.94
C GLY A 216 9.69 -2.73 -23.88
N ILE A 217 10.43 -2.23 -22.89
CA ILE A 217 10.96 -3.14 -21.88
C ILE A 217 10.01 -3.18 -20.68
N ARG A 218 9.48 -4.35 -20.31
CA ARG A 218 8.57 -4.42 -19.09
C ARG A 218 9.44 -4.67 -17.87
N VAL A 219 9.06 -4.15 -16.70
CA VAL A 219 9.86 -4.42 -15.49
C VAL A 219 8.87 -4.79 -14.41
N ASN A 220 9.01 -5.99 -13.86
CA ASN A 220 8.03 -6.46 -12.84
C ASN A 220 8.78 -7.16 -11.72
N GLY A 221 8.08 -7.55 -10.63
CA GLY A 221 8.72 -8.15 -9.45
C GLY A 221 7.89 -9.36 -9.10
N VAL A 222 8.57 -10.32 -8.50
CA VAL A 222 7.96 -11.50 -7.84
C VAL A 222 8.41 -11.44 -6.44
N ALA A 223 7.47 -11.49 -5.46
CA ALA A 223 7.80 -11.26 -4.07
C ALA A 223 7.43 -12.54 -3.28
N PRO A 224 8.43 -13.43 -3.00
CA PRO A 224 8.17 -14.58 -2.13
C PRO A 224 7.88 -14.15 -0.72
N GLY A 225 7.10 -14.96 -0.01
CA GLY A 225 6.99 -14.72 1.45
C GLY A 225 8.08 -15.59 2.06
N VAL A 226 7.71 -16.81 2.42
CA VAL A 226 8.73 -17.84 2.76
CA VAL A 226 8.71 -17.85 2.76
C VAL A 226 8.78 -18.92 1.69
N SER A 227 9.95 -19.04 1.10
CA SER A 227 10.16 -20.04 0.12
C SER A 227 11.30 -20.79 0.77
N LEU A 228 12.29 -21.18 0.00
CA LEU A 228 13.31 -22.08 0.58
C LEU A 228 13.95 -21.43 1.80
N LEU A 229 13.86 -22.16 2.89
CA LEU A 229 14.45 -21.71 4.14
C LEU A 229 16.01 -21.67 4.06
N PRO A 230 16.66 -20.86 4.94
CA PRO A 230 18.10 -20.77 4.84
C PRO A 230 18.73 -22.11 5.21
N VAL A 231 19.76 -22.50 4.47
CA VAL A 231 20.42 -23.80 4.64
C VAL A 231 20.86 -24.10 6.07
N ALA A 232 21.29 -23.06 6.76
CA ALA A 232 21.77 -23.19 8.12
C ALA A 232 20.66 -23.15 9.17
N MET A 233 19.40 -22.98 8.75
CA MET A 233 18.31 -22.85 9.71
C MET A 233 17.96 -24.26 10.18
N GLY A 234 17.71 -24.43 11.49
CA GLY A 234 17.30 -25.75 12.04
C GLY A 234 15.86 -26.05 11.68
N GLU A 235 15.51 -27.32 11.50
CA GLU A 235 14.15 -27.71 11.19
C GLU A 235 13.10 -27.08 12.10
N GLU A 236 13.46 -26.97 13.40
CA GLU A 236 12.52 -26.46 14.39
CA GLU A 236 12.56 -26.44 14.42
C GLU A 236 12.13 -25.01 14.06
N GLU A 237 13.14 -24.19 13.70
CA GLU A 237 12.88 -22.82 13.28
C GLU A 237 12.12 -22.79 11.92
N LYS A 238 12.53 -23.64 10.96
CA LYS A 238 11.81 -23.80 9.68
C LYS A 238 10.31 -24.04 9.88
N ASP A 239 9.98 -25.02 10.74
CA ASP A 239 8.58 -25.34 11.01
C ASP A 239 7.85 -24.17 11.69
N LYS A 240 8.55 -23.41 12.56
CA LYS A 240 7.95 -22.18 13.12
C LYS A 240 7.48 -21.25 11.97
N TRP A 241 8.32 -21.09 10.93
CA TRP A 241 7.94 -20.25 9.74
C TRP A 241 6.84 -20.89 8.89
N ARG A 242 7.02 -22.15 8.52
CA ARG A 242 5.99 -22.95 7.84
C ARG A 242 4.58 -22.79 8.36
N ARG A 243 4.46 -22.90 9.70
CA ARG A 243 3.22 -22.97 10.41
C ARG A 243 2.41 -21.66 10.29
N LYS A 244 3.07 -20.58 9.88
CA LYS A 244 2.41 -19.27 9.76
C LYS A 244 1.74 -19.08 8.41
N VAL A 245 2.08 -19.92 7.42
CA VAL A 245 1.54 -19.76 6.05
C VAL A 245 0.10 -20.24 5.94
N PRO A 246 -0.89 -19.33 5.71
CA PRO A 246 -2.27 -19.87 5.60
C PRO A 246 -2.46 -20.98 4.56
N LEU A 247 -1.87 -20.80 3.38
CA LEU A 247 -2.15 -21.71 2.27
C LEU A 247 -1.22 -22.95 2.39
N GLY A 248 -1.66 -23.93 3.18
CA GLY A 248 -0.92 -25.21 3.29
C GLY A 248 0.13 -25.27 4.36
N ARG A 249 0.37 -24.17 5.12
CA ARG A 249 1.37 -24.22 6.23
C ARG A 249 2.69 -24.78 5.75
N ARG A 250 3.16 -24.29 4.61
CA ARG A 250 4.44 -24.73 4.09
C ARG A 250 4.96 -23.58 3.24
N GLU A 251 6.25 -23.63 2.99
CA GLU A 251 6.96 -22.65 2.22
C GLU A 251 6.70 -22.87 0.75
N ALA A 252 6.84 -21.81 -0.06
CA ALA A 252 6.88 -21.94 -1.52
C ALA A 252 8.08 -22.84 -1.94
N SER A 253 7.83 -23.77 -2.86
CA SER A 253 8.91 -24.44 -3.60
C SER A 253 9.58 -23.44 -4.53
N ALA A 254 10.83 -23.72 -4.90
CA ALA A 254 11.57 -22.90 -5.83
C ALA A 254 10.83 -22.83 -7.15
N GLU A 255 10.24 -23.95 -7.55
CA GLU A 255 9.48 -23.99 -8.79
C GLU A 255 8.25 -23.04 -8.80
N GLN A 256 7.56 -22.95 -7.68
CA GLN A 256 6.40 -22.05 -7.55
C GLN A 256 6.80 -20.57 -7.75
N ILE A 257 7.95 -20.19 -7.25
CA ILE A 257 8.49 -18.81 -7.47
C ILE A 257 8.80 -18.66 -8.96
N ALA A 258 9.51 -19.66 -9.50
CA ALA A 258 9.93 -19.67 -10.89
C ALA A 258 8.69 -19.58 -11.82
N ASP A 259 7.60 -20.24 -11.42
CA ASP A 259 6.37 -20.18 -12.24
C ASP A 259 5.86 -18.74 -12.41
N ALA A 260 5.96 -17.94 -11.36
CA ALA A 260 5.49 -16.55 -11.49
C ALA A 260 6.48 -15.74 -12.37
N VAL A 261 7.77 -16.06 -12.28
CA VAL A 261 8.73 -15.41 -13.18
C VAL A 261 8.44 -15.72 -14.66
N ILE A 262 8.24 -17.02 -14.93
CA ILE A 262 7.94 -17.50 -16.26
C ILE A 262 6.74 -16.73 -16.77
N PHE A 263 5.70 -16.64 -15.94
CA PHE A 263 4.50 -15.88 -16.36
C PHE A 263 4.85 -14.46 -16.80
N LEU A 264 5.62 -13.75 -15.97
CA LEU A 264 5.89 -12.34 -16.23
C LEU A 264 6.74 -12.11 -17.46
N VAL A 265 7.54 -13.11 -17.84
CA VAL A 265 8.33 -12.91 -19.06
C VAL A 265 7.58 -13.35 -20.31
N SER A 266 6.50 -14.10 -20.11
CA SER A 266 5.76 -14.70 -21.21
C SER A 266 4.89 -13.72 -21.96
N GLY A 267 4.41 -14.18 -23.13
CA GLY A 267 3.42 -13.41 -23.94
C GLY A 267 2.09 -13.19 -23.22
N SER A 268 1.79 -14.03 -22.26
CA SER A 268 0.62 -13.82 -21.38
C SER A 268 0.67 -12.60 -20.44
N ALA A 269 1.80 -11.88 -20.42
CA ALA A 269 1.96 -10.73 -19.51
C ALA A 269 2.41 -9.52 -20.29
N GLN A 270 2.05 -9.49 -21.58
CA GLN A 270 2.58 -8.45 -22.46
C GLN A 270 2.07 -7.08 -22.13
N TYR A 271 1.03 -6.95 -21.32
CA TYR A 271 0.64 -5.63 -20.89
C TYR A 271 0.99 -5.28 -19.46
N ILE A 272 1.71 -6.16 -18.76
CA ILE A 272 2.02 -6.00 -17.33
C ILE A 272 3.39 -5.38 -17.19
N THR A 273 3.44 -4.22 -16.56
CA THR A 273 4.72 -3.57 -16.19
C THR A 273 4.52 -2.77 -14.93
N GLY A 274 5.55 -2.82 -14.06
CA GLY A 274 5.47 -2.19 -12.76
C GLY A 274 4.66 -2.95 -11.70
N SER A 275 4.37 -4.23 -11.93
CA SER A 275 3.54 -5.02 -11.03
C SER A 275 4.47 -5.92 -10.25
N ILE A 276 4.16 -6.10 -8.98
CA ILE A 276 4.90 -7.00 -8.13
C ILE A 276 3.91 -8.13 -7.71
N ILE A 277 4.17 -9.34 -8.16
CA ILE A 277 3.23 -10.44 -7.84
C ILE A 277 3.72 -11.11 -6.54
N LYS A 278 2.90 -11.08 -5.49
CA LYS A 278 3.28 -11.82 -4.25
C LYS A 278 3.04 -13.27 -4.55
N VAL A 279 3.97 -14.10 -4.11
CA VAL A 279 3.81 -15.57 -4.15
C VAL A 279 4.10 -16.03 -2.72
N ASP A 280 3.14 -15.85 -1.81
CA ASP A 280 3.43 -15.97 -0.37
C ASP A 280 2.42 -16.80 0.40
N GLY A 281 1.51 -17.45 -0.35
CA GLY A 281 0.52 -18.33 0.25
C GLY A 281 -0.27 -17.64 1.31
N GLY A 282 -0.41 -16.32 1.18
CA GLY A 282 -1.18 -15.58 2.16
C GLY A 282 -0.41 -15.02 3.36
N LEU A 283 0.89 -15.29 3.45
CA LEU A 283 1.64 -14.96 4.67
C LEU A 283 1.56 -13.46 5.06
N SER A 284 1.66 -12.59 4.06
CA SER A 284 1.65 -11.15 4.31
C SER A 284 0.30 -10.60 4.79
N LEU A 285 -0.74 -11.42 4.78
CA LEU A 285 -2.07 -11.01 5.23
C LEU A 285 -2.25 -11.34 6.70
N VAL A 286 -1.31 -12.10 7.29
CA VAL A 286 -1.57 -12.65 8.65
C VAL A 286 -1.13 -11.63 9.69
N HIS A 287 -2.07 -11.19 10.55
CA HIS A 287 -1.68 -10.21 11.62
C HIS A 287 -0.79 -10.85 12.69
N ALA A 288 -0.15 -10.03 13.51
CA ALA A 288 0.72 -10.53 14.60
C ALA A 288 -0.04 -11.47 15.56
N MET B 21 -18.58 -34.47 -14.90
CA MET B 21 -17.40 -35.31 -15.28
C MET B 21 -16.04 -34.77 -14.77
N GLU B 22 -14.95 -35.11 -15.48
CA GLU B 22 -13.57 -34.75 -15.10
C GLU B 22 -13.09 -33.32 -15.54
N ALA B 23 -13.82 -32.64 -16.43
CA ALA B 23 -13.47 -31.24 -16.82
C ALA B 23 -13.93 -30.28 -15.70
N PRO B 24 -13.05 -29.31 -15.34
CA PRO B 24 -13.51 -28.45 -14.29
C PRO B 24 -14.61 -27.47 -14.79
N ALA B 25 -15.22 -26.75 -13.86
CA ALA B 25 -16.26 -25.75 -14.20
C ALA B 25 -16.00 -24.37 -13.52
N ALA B 26 -16.47 -23.32 -14.17
CA ALA B 26 -16.23 -21.96 -13.73
C ALA B 26 -17.50 -21.18 -13.91
N VAL B 27 -17.76 -20.26 -12.97
CA VAL B 27 -18.79 -19.27 -13.11
C VAL B 27 -18.07 -17.94 -13.43
N VAL B 28 -18.51 -17.21 -14.45
CA VAL B 28 -17.99 -15.86 -14.74
C VAL B 28 -19.17 -14.90 -14.67
N THR B 29 -19.11 -13.91 -13.78
CA THR B 29 -20.26 -12.95 -13.79
C THR B 29 -20.06 -11.85 -14.85
N GLY B 30 -21.15 -11.33 -15.40
CA GLY B 30 -21.09 -10.33 -16.44
C GLY B 30 -20.27 -10.82 -17.62
N ALA B 31 -20.56 -12.04 -18.12
CA ALA B 31 -19.72 -12.74 -19.12
C ALA B 31 -20.22 -12.63 -20.55
N ALA B 32 -21.26 -11.85 -20.75
CA ALA B 32 -21.88 -11.77 -22.10
C ALA B 32 -21.00 -11.00 -23.09
N LYS B 33 -20.22 -10.07 -22.55
CA LYS B 33 -19.55 -9.06 -23.33
C LYS B 33 -18.17 -8.68 -22.79
N ARG B 34 -17.32 -8.09 -23.66
CA ARG B 34 -16.15 -7.36 -23.17
C ARG B 34 -15.22 -8.23 -22.36
N ILE B 35 -14.80 -7.79 -21.18
CA ILE B 35 -13.80 -8.59 -20.45
C ILE B 35 -14.34 -9.94 -19.94
N GLY B 36 -15.53 -9.92 -19.38
CA GLY B 36 -16.13 -11.16 -18.91
C GLY B 36 -16.24 -12.20 -20.02
N ARG B 37 -16.70 -11.78 -21.17
CA ARG B 37 -16.72 -12.68 -22.35
C ARG B 37 -15.36 -13.30 -22.66
N ALA B 38 -14.32 -12.47 -22.73
CA ALA B 38 -12.97 -12.97 -23.01
C ALA B 38 -12.45 -13.95 -21.98
N ILE B 39 -12.75 -13.64 -20.72
CA ILE B 39 -12.49 -14.56 -19.64
C ILE B 39 -13.23 -15.90 -19.83
N ALA B 40 -14.53 -15.86 -20.11
CA ALA B 40 -15.30 -17.11 -20.37
C ALA B 40 -14.67 -17.93 -21.55
N VAL B 41 -14.33 -17.24 -22.64
CA VAL B 41 -13.75 -17.91 -23.84
C VAL B 41 -12.43 -18.57 -23.47
N LYS B 42 -11.54 -17.82 -22.77
CA LYS B 42 -10.26 -18.32 -22.44
C LYS B 42 -10.34 -19.47 -21.48
N LEU B 43 -11.24 -19.39 -20.52
CA LEU B 43 -11.41 -20.54 -19.62
C LEU B 43 -11.90 -21.76 -20.39
N HIS B 44 -12.87 -21.53 -21.27
CA HIS B 44 -13.42 -22.62 -22.09
C HIS B 44 -12.26 -23.23 -22.95
N GLN B 45 -11.48 -22.40 -23.64
CA GLN B 45 -10.30 -22.90 -24.37
C GLN B 45 -9.33 -23.72 -23.50
N THR B 46 -9.28 -23.48 -22.19
CA THR B 46 -8.37 -24.14 -21.28
C THR B 46 -8.95 -25.50 -20.84
N GLY B 47 -10.24 -25.70 -21.08
CA GLY B 47 -10.91 -27.00 -20.89
C GLY B 47 -11.98 -26.88 -19.85
N TYR B 48 -12.36 -25.66 -19.48
CA TYR B 48 -13.41 -25.49 -18.50
C TYR B 48 -14.79 -25.48 -19.15
N ARG B 49 -15.76 -26.06 -18.42
CA ARG B 49 -17.17 -25.84 -18.69
C ARG B 49 -17.50 -24.52 -18.02
N VAL B 50 -18.42 -23.74 -18.58
CA VAL B 50 -18.64 -22.34 -18.09
C VAL B 50 -20.08 -21.95 -17.85
N VAL B 51 -20.37 -21.32 -16.71
CA VAL B 51 -21.67 -20.63 -16.56
C VAL B 51 -21.44 -19.19 -16.95
N ILE B 52 -22.21 -18.72 -17.92
CA ILE B 52 -22.10 -17.39 -18.46
C ILE B 52 -23.20 -16.60 -17.76
N HIS B 53 -22.86 -15.87 -16.67
CA HIS B 53 -23.88 -15.06 -15.99
C HIS B 53 -24.09 -13.79 -16.75
N TYR B 54 -25.33 -13.29 -16.81
CA TYR B 54 -25.61 -11.99 -17.44
C TYR B 54 -26.74 -11.27 -16.70
N HIS B 55 -26.92 -9.98 -16.95
CA HIS B 55 -28.01 -9.28 -16.31
C HIS B 55 -29.01 -8.85 -17.44
N ASN B 56 -28.61 -7.95 -18.32
CA ASN B 56 -29.48 -7.49 -19.41
C ASN B 56 -29.06 -8.07 -20.76
N SER B 57 -27.87 -8.63 -20.87
CA SER B 57 -27.37 -8.92 -22.17
C SER B 57 -27.70 -10.38 -22.56
N ALA B 58 -29.01 -10.71 -22.65
CA ALA B 58 -29.46 -12.11 -22.96
C ALA B 58 -28.98 -12.63 -24.31
N GLU B 59 -29.13 -11.83 -25.35
CA GLU B 59 -28.80 -12.22 -26.69
C GLU B 59 -27.32 -12.50 -26.80
N ALA B 60 -26.47 -11.60 -26.23
CA ALA B 60 -25.02 -11.81 -26.22
C ALA B 60 -24.61 -13.03 -25.43
N ALA B 61 -25.27 -13.30 -24.29
CA ALA B 61 -24.91 -14.41 -23.42
C ALA B 61 -25.19 -15.76 -24.16
N VAL B 62 -26.38 -15.75 -24.80
CA VAL B 62 -26.84 -16.95 -25.52
C VAL B 62 -25.96 -17.21 -26.74
N SER B 63 -25.60 -16.19 -27.48
CA SER B 63 -24.77 -16.44 -28.62
C SER B 63 -23.39 -16.95 -28.21
N LEU B 64 -22.86 -16.41 -27.09
CA LEU B 64 -21.58 -16.96 -26.62
C LEU B 64 -21.75 -18.45 -26.23
N ALA B 65 -22.80 -18.75 -25.46
CA ALA B 65 -23.01 -20.14 -25.05
C ALA B 65 -23.13 -21.06 -26.31
N ASP B 66 -23.92 -20.62 -27.27
CA ASP B 66 -24.06 -21.41 -28.53
C ASP B 66 -22.72 -21.62 -29.24
N GLU B 67 -21.92 -20.54 -29.34
CA GLU B 67 -20.59 -20.68 -29.95
C GLU B 67 -19.72 -21.69 -29.18
N LEU B 68 -19.73 -21.60 -27.83
CA LEU B 68 -18.95 -22.51 -26.96
C LEU B 68 -19.44 -23.96 -27.07
N ASN B 69 -20.74 -24.14 -26.99
CA ASN B 69 -21.32 -25.47 -27.21
C ASN B 69 -21.09 -26.11 -28.61
N LYS B 70 -20.86 -25.29 -29.62
CA LYS B 70 -20.58 -25.77 -30.98
C LYS B 70 -19.16 -26.34 -31.00
N GLU B 71 -18.23 -25.66 -30.33
CA GLU B 71 -16.89 -26.18 -30.09
C GLU B 71 -16.87 -27.48 -29.29
N ARG B 72 -17.63 -27.57 -28.21
CA ARG B 72 -17.76 -28.76 -27.42
C ARG B 72 -19.12 -28.81 -26.79
N SER B 73 -19.86 -29.87 -27.13
CA SER B 73 -21.22 -30.02 -26.63
C SER B 73 -21.35 -30.03 -25.15
N ASN B 74 -22.38 -29.30 -24.67
CA ASN B 74 -22.75 -29.37 -23.26
C ASN B 74 -21.63 -28.85 -22.37
N THR B 75 -20.94 -27.80 -22.82
CA THR B 75 -19.91 -27.22 -21.97
C THR B 75 -20.24 -25.76 -21.51
N ALA B 76 -21.40 -25.21 -21.87
CA ALA B 76 -21.73 -23.75 -21.51
C ALA B 76 -23.19 -23.63 -21.28
N VAL B 77 -23.54 -22.97 -20.18
CA VAL B 77 -24.95 -22.60 -19.87
C VAL B 77 -24.98 -21.10 -19.52
N VAL B 78 -26.13 -20.45 -19.67
CA VAL B 78 -26.28 -19.08 -19.19
C VAL B 78 -27.06 -19.04 -17.88
N CYS B 79 -26.92 -17.94 -17.14
CA CYS B 79 -27.66 -17.78 -15.91
C CYS B 79 -27.94 -16.29 -15.81
N GLN B 80 -29.22 -15.91 -15.78
CA GLN B 80 -29.55 -14.47 -15.62
C GLN B 80 -29.68 -14.10 -14.12
N ALA B 81 -29.21 -12.92 -13.72
CA ALA B 81 -29.36 -12.43 -12.34
C ALA B 81 -28.95 -10.97 -12.26
N ASP B 82 -29.74 -10.18 -11.51
CA ASP B 82 -29.39 -8.81 -11.18
C ASP B 82 -28.57 -8.94 -9.91
N LEU B 83 -27.41 -8.25 -9.90
CA LEU B 83 -26.49 -8.26 -8.74
C LEU B 83 -26.53 -7.00 -7.86
N THR B 84 -27.52 -6.14 -8.14
CA THR B 84 -27.79 -5.00 -7.27
C THR B 84 -28.11 -5.50 -5.87
N ASN B 85 -27.65 -4.74 -4.86
CA ASN B 85 -27.91 -5.11 -3.47
C ASN B 85 -29.42 -5.00 -3.18
N SER B 86 -29.96 -5.99 -2.48
CA SER B 86 -31.39 -5.98 -2.01
C SER B 86 -31.53 -7.16 -1.14
N ASN B 87 -32.74 -7.29 -0.58
N ASN B 87 -32.68 -7.32 -0.49
CA ASN B 87 -33.18 -8.46 0.19
CA ASN B 87 -32.87 -8.51 0.33
C ASN B 87 -32.95 -9.79 -0.48
C ASN B 87 -33.05 -9.84 -0.47
N VAL B 88 -33.08 -9.82 -1.81
CA VAL B 88 -33.05 -11.11 -2.57
C VAL B 88 -31.63 -11.49 -3.09
N LEU B 89 -30.70 -10.54 -2.99
CA LEU B 89 -29.33 -10.73 -3.55
C LEU B 89 -28.66 -12.03 -3.07
N PRO B 90 -28.72 -12.36 -1.75
CA PRO B 90 -28.12 -13.63 -1.31
C PRO B 90 -28.75 -14.84 -1.99
N ALA B 91 -30.07 -14.80 -2.22
CA ALA B 91 -30.71 -15.93 -2.84
C ALA B 91 -30.27 -16.00 -4.30
N SER B 92 -30.15 -14.84 -4.97
CA SER B 92 -29.66 -14.80 -6.36
C SER B 92 -28.25 -15.40 -6.51
N CYS B 93 -27.39 -14.98 -5.58
CA CYS B 93 -25.99 -15.43 -5.61
C CYS B 93 -25.86 -16.92 -5.38
N GLU B 94 -26.62 -17.41 -4.42
CA GLU B 94 -26.74 -18.85 -4.15
C GLU B 94 -27.17 -19.64 -5.39
N GLU B 95 -28.13 -19.08 -6.13
CA GLU B 95 -28.69 -19.70 -7.34
C GLU B 95 -27.69 -19.69 -8.51
N ILE B 96 -26.83 -18.65 -8.58
CA ILE B 96 -25.80 -18.64 -9.60
C ILE B 96 -24.81 -19.77 -9.40
N ILE B 97 -24.38 -19.96 -8.14
CA ILE B 97 -23.42 -21.00 -7.82
C ILE B 97 -24.09 -22.40 -8.07
N ASN B 98 -25.31 -22.53 -7.55
CA ASN B 98 -26.14 -23.75 -7.77
C ASN B 98 -26.22 -24.13 -9.23
N SER B 99 -26.37 -23.12 -10.11
CA SER B 99 -26.53 -23.34 -11.54
CA SER B 99 -26.51 -23.34 -11.54
C SER B 99 -25.34 -24.14 -12.08
N CYS B 100 -24.14 -23.82 -11.59
CA CYS B 100 -22.93 -24.47 -12.03
C CYS B 100 -22.94 -25.93 -11.56
N PHE B 101 -23.36 -26.15 -10.31
CA PHE B 101 -23.42 -27.54 -9.78
C PHE B 101 -24.51 -28.35 -10.54
N ARG B 102 -25.65 -27.71 -10.85
CA ARG B 102 -26.75 -28.41 -11.58
C ARG B 102 -26.31 -28.74 -12.96
N ALA B 103 -25.58 -27.83 -13.61
CA ALA B 103 -25.12 -28.07 -14.99
C ALA B 103 -23.99 -29.04 -15.06
N PHE B 104 -23.05 -28.99 -14.10
CA PHE B 104 -21.74 -29.57 -14.35
C PHE B 104 -21.28 -30.41 -13.21
N GLY B 105 -22.01 -30.41 -12.09
CA GLY B 105 -21.75 -31.32 -10.93
C GLY B 105 -20.59 -30.87 -10.08
N ARG B 106 -20.02 -29.71 -10.42
CA ARG B 106 -18.89 -29.15 -9.66
C ARG B 106 -18.74 -27.65 -10.02
N CYS B 107 -17.97 -26.95 -9.18
CA CYS B 107 -17.70 -25.51 -9.45
C CYS B 107 -16.30 -25.23 -8.90
N ASP B 108 -15.36 -25.10 -9.83
CA ASP B 108 -13.93 -24.99 -9.50
C ASP B 108 -13.44 -23.54 -9.41
N VAL B 109 -14.09 -22.66 -10.17
CA VAL B 109 -13.58 -21.30 -10.34
C VAL B 109 -14.76 -20.34 -10.30
N LEU B 110 -14.59 -19.29 -9.53
CA LEU B 110 -15.54 -18.17 -9.57
C LEU B 110 -14.72 -16.95 -10.05
N VAL B 111 -15.20 -16.28 -11.11
CA VAL B 111 -14.67 -14.97 -11.51
C VAL B 111 -15.72 -13.91 -11.25
N ASN B 112 -15.43 -13.05 -10.28
CA ASN B 112 -16.28 -11.88 -10.02
C ASN B 112 -15.88 -10.73 -10.94
N ASN B 113 -16.55 -10.64 -12.09
CA ASN B 113 -16.21 -9.65 -13.09
C ASN B 113 -17.31 -8.57 -13.29
N ALA B 114 -18.57 -8.89 -12.99
CA ALA B 114 -19.69 -7.98 -13.24
C ALA B 114 -19.48 -6.69 -12.46
N SER B 115 -19.79 -5.55 -13.08
CA SER B 115 -19.53 -4.27 -12.44
C SER B 115 -20.44 -3.18 -12.95
N ALA B 116 -20.97 -2.35 -12.05
CA ALA B 116 -21.64 -1.08 -12.46
C ALA B 116 -20.59 0.00 -12.29
N PHE B 117 -20.62 0.97 -13.17
CA PHE B 117 -19.57 1.98 -13.16
C PHE B 117 -20.20 3.23 -13.73
N TYR B 118 -20.33 4.26 -12.91
CA TYR B 118 -20.86 5.56 -13.36
C TYR B 118 -20.60 6.58 -12.22
N PRO B 119 -20.56 7.89 -12.57
CA PRO B 119 -20.21 8.88 -11.55
C PRO B 119 -21.29 9.04 -10.50
N THR B 120 -20.89 9.31 -9.27
CA THR B 120 -21.80 9.66 -8.17
C THR B 120 -21.27 10.90 -7.42
N PRO B 121 -21.42 12.12 -8.02
CA PRO B 121 -20.82 13.35 -7.37
C PRO B 121 -21.30 13.57 -5.93
N LEU B 122 -20.42 14.08 -5.08
CA LEU B 122 -20.78 14.30 -3.68
C LEU B 122 -21.68 15.52 -3.52
N VAL B 123 -21.54 16.46 -4.46
CA VAL B 123 -22.28 17.75 -4.40
C VAL B 123 -23.18 18.03 -5.60
N LYS B 134 -31.43 8.31 -10.89
CA LYS B 134 -31.37 7.27 -9.87
C LYS B 134 -31.27 7.95 -8.53
N THR B 135 -31.97 7.43 -7.55
CA THR B 135 -31.84 7.97 -6.22
C THR B 135 -30.44 7.55 -5.72
N VAL B 136 -29.98 8.19 -4.66
CA VAL B 136 -28.68 7.81 -4.08
C VAL B 136 -28.70 6.38 -3.52
N GLU B 137 -29.81 5.97 -2.91
CA GLU B 137 -29.85 4.62 -2.34
C GLU B 137 -29.79 3.60 -3.48
N THR B 138 -30.35 3.94 -4.65
CA THR B 138 -30.22 3.04 -5.81
C THR B 138 -28.75 2.96 -6.27
N GLN B 139 -28.12 4.12 -6.30
CA GLN B 139 -26.68 4.18 -6.72
C GLN B 139 -25.82 3.33 -5.77
N VAL B 140 -26.10 3.42 -4.48
CA VAL B 140 -25.45 2.55 -3.49
C VAL B 140 -25.71 1.08 -3.76
N ALA B 141 -27.00 0.71 -3.95
CA ALA B 141 -27.35 -0.68 -4.23
C ALA B 141 -26.58 -1.23 -5.41
N GLU B 142 -26.53 -0.45 -6.50
CA GLU B 142 -25.95 -0.94 -7.73
C GLU B 142 -24.42 -0.96 -7.64
N LEU B 143 -23.86 0.18 -7.22
CA LEU B 143 -22.39 0.29 -7.24
C LEU B 143 -21.71 -0.58 -6.19
N ILE B 144 -22.27 -0.59 -4.97
CA ILE B 144 -21.72 -1.39 -3.89
C ILE B 144 -22.19 -2.82 -4.04
N GLY B 145 -23.42 -3.06 -4.50
CA GLY B 145 -23.92 -4.47 -4.70
C GLY B 145 -23.09 -5.20 -5.74
N THR B 146 -23.00 -4.64 -6.95
CA THR B 146 -22.26 -5.34 -8.02
C THR B 146 -20.78 -5.51 -7.68
N ASN B 147 -20.13 -4.44 -7.20
CA ASN B 147 -18.68 -4.43 -7.06
C ASN B 147 -18.20 -5.10 -5.81
N ALA B 148 -19.03 -5.21 -4.76
CA ALA B 148 -18.53 -5.71 -3.49
C ALA B 148 -19.45 -6.76 -2.83
N ILE B 149 -20.72 -6.43 -2.71
CA ILE B 149 -21.61 -7.28 -1.91
CA ILE B 149 -21.65 -7.28 -1.94
C ILE B 149 -21.89 -8.60 -2.65
N ALA B 150 -22.23 -8.50 -3.91
CA ALA B 150 -22.47 -9.68 -4.71
C ALA B 150 -21.20 -10.59 -4.74
N PRO B 151 -19.98 -10.01 -5.02
CA PRO B 151 -18.78 -10.89 -4.88
C PRO B 151 -18.66 -11.57 -3.51
N PHE B 152 -19.00 -10.89 -2.43
CA PHE B 152 -18.92 -11.51 -1.08
C PHE B 152 -19.94 -12.67 -0.98
N LEU B 153 -21.17 -12.44 -1.45
CA LEU B 153 -22.23 -13.45 -1.36
C LEU B 153 -21.94 -14.63 -2.29
N LEU B 154 -21.42 -14.35 -3.47
CA LEU B 154 -20.97 -15.42 -4.39
C LEU B 154 -19.83 -16.23 -3.76
N THR B 155 -18.85 -15.55 -3.18
CA THR B 155 -17.73 -16.20 -2.45
C THR B 155 -18.26 -17.11 -1.31
N MET B 156 -19.21 -16.61 -0.50
CA MET B 156 -19.80 -17.45 0.59
CA MET B 156 -19.76 -17.43 0.58
C MET B 156 -20.44 -18.69 0.01
N SER B 157 -21.25 -18.52 -1.04
CA SER B 157 -22.00 -19.64 -1.61
C SER B 157 -21.01 -20.60 -2.28
N PHE B 158 -19.98 -20.06 -2.96
CA PHE B 158 -18.97 -20.90 -3.63
C PHE B 158 -18.27 -21.82 -2.57
N ALA B 159 -17.87 -21.19 -1.46
CA ALA B 159 -17.11 -21.86 -0.43
C ALA B 159 -18.01 -22.87 0.34
N GLN B 160 -19.26 -22.48 0.59
CA GLN B 160 -20.14 -23.33 1.37
CA GLN B 160 -20.21 -23.32 1.36
C GLN B 160 -20.49 -24.61 0.60
N ARG B 161 -20.45 -24.55 -0.72
CA ARG B 161 -20.79 -25.67 -1.56
C ARG B 161 -19.65 -26.65 -1.81
N GLN B 162 -18.45 -26.36 -1.33
CA GLN B 162 -17.29 -27.23 -1.58
C GLN B 162 -17.26 -28.32 -0.52
N ASN B 173 -7.93 -27.61 -7.23
CA ASN B 173 -7.49 -26.36 -7.76
C ASN B 173 -8.65 -25.37 -7.78
N LEU B 174 -9.19 -25.13 -6.60
CA LEU B 174 -10.29 -24.21 -6.45
C LEU B 174 -9.75 -22.79 -6.31
N SER B 175 -10.32 -21.85 -7.09
CA SER B 175 -9.98 -20.47 -6.84
C SER B 175 -11.01 -19.46 -7.25
N ILE B 176 -10.86 -18.25 -6.70
CA ILE B 176 -11.76 -17.13 -6.97
C ILE B 176 -10.84 -16.03 -7.50
N VAL B 177 -11.30 -15.37 -8.55
CA VAL B 177 -10.56 -14.22 -9.08
C VAL B 177 -11.53 -13.06 -9.11
N ASN B 178 -11.16 -11.99 -8.44
CA ASN B 178 -11.96 -10.77 -8.45
C ASN B 178 -11.38 -9.68 -9.38
N LEU B 179 -12.23 -9.06 -10.19
CA LEU B 179 -11.76 -7.98 -11.07
C LEU B 179 -11.77 -6.70 -10.29
N CYS B 180 -10.54 -6.25 -10.03
CA CYS B 180 -10.31 -5.04 -9.21
C CYS B 180 -10.10 -3.82 -10.14
N ASP B 181 -9.32 -2.85 -9.68
CA ASP B 181 -9.06 -1.66 -10.47
C ASP B 181 -7.69 -1.17 -10.09
N ALA B 182 -6.84 -0.94 -11.07
CA ALA B 182 -5.46 -0.51 -10.71
C ALA B 182 -5.39 0.96 -10.21
N MET B 183 -6.44 1.75 -10.51
CA MET B 183 -6.40 3.19 -10.25
C MET B 183 -7.17 3.57 -9.00
N VAL B 184 -7.38 2.58 -8.15
CA VAL B 184 -8.18 2.71 -6.94
C VAL B 184 -7.65 3.76 -5.94
N ASP B 185 -6.34 3.97 -5.91
CA ASP B 185 -5.76 5.04 -5.06
C ASP B 185 -5.51 6.36 -5.80
N GLN B 186 -5.86 6.42 -7.10
CA GLN B 186 -5.79 7.66 -7.84
C GLN B 186 -7.07 7.75 -8.63
N PRO B 187 -8.17 7.88 -7.90
CA PRO B 187 -9.43 7.59 -8.53
C PRO B 187 -9.94 8.72 -9.48
N CYS B 188 -10.83 8.40 -10.40
CA CYS B 188 -11.45 9.44 -11.24
C CYS B 188 -12.31 10.31 -10.38
N MET B 189 -12.32 11.60 -10.70
CA MET B 189 -13.16 12.58 -10.00
C MET B 189 -14.65 12.17 -9.99
N ALA B 190 -15.29 12.21 -8.84
CA ALA B 190 -16.76 12.04 -8.71
C ALA B 190 -17.22 10.58 -8.89
N PHE B 191 -16.30 9.62 -8.65
CA PHE B 191 -16.59 8.19 -8.67
C PHE B 191 -16.46 7.53 -7.28
N SER B 192 -16.92 8.23 -6.23
CA SER B 192 -16.62 7.79 -4.88
CA SER B 192 -16.74 7.83 -4.82
C SER B 192 -17.28 6.43 -4.60
N LEU B 193 -18.53 6.22 -5.04
CA LEU B 193 -19.20 4.98 -4.71
C LEU B 193 -18.53 3.85 -5.46
N TYR B 194 -18.23 4.10 -6.74
CA TYR B 194 -17.55 3.03 -7.55
C TYR B 194 -16.19 2.70 -6.83
N ASN B 195 -15.44 3.75 -6.44
CA ASN B 195 -14.14 3.59 -5.74
CA ASN B 195 -14.15 3.49 -5.81
C ASN B 195 -14.27 2.85 -4.43
N MET B 196 -15.30 3.20 -3.68
CA MET B 196 -15.59 2.50 -2.43
C MET B 196 -15.80 1.00 -2.68
N GLY B 197 -16.60 0.70 -3.70
CA GLY B 197 -16.92 -0.72 -3.98
C GLY B 197 -15.66 -1.47 -4.38
N LYS B 198 -14.81 -0.88 -5.21
CA LYS B 198 -13.61 -1.56 -5.63
C LYS B 198 -12.59 -1.67 -4.50
N HIS B 199 -12.51 -0.70 -3.59
CA HIS B 199 -11.66 -0.86 -2.41
C HIS B 199 -12.22 -1.96 -1.56
N ALA B 200 -13.55 -1.97 -1.41
CA ALA B 200 -14.19 -3.06 -0.60
C ALA B 200 -13.83 -4.42 -1.25
N LEU B 201 -13.73 -4.45 -2.57
CA LEU B 201 -13.38 -5.70 -3.23
C LEU B 201 -11.96 -6.19 -2.87
N VAL B 202 -11.02 -5.26 -2.77
CA VAL B 202 -9.62 -5.58 -2.32
C VAL B 202 -9.72 -6.23 -0.95
N GLY B 203 -10.48 -5.56 -0.08
CA GLY B 203 -10.69 -6.05 1.28
C GLY B 203 -11.18 -7.49 1.22
N LEU B 204 -12.18 -7.76 0.39
CA LEU B 204 -12.79 -9.10 0.32
C LEU B 204 -11.69 -10.08 -0.17
N THR B 205 -10.90 -9.64 -1.17
CA THR B 205 -9.90 -10.51 -1.77
C THR B 205 -8.91 -10.96 -0.71
N GLN B 206 -8.47 -10.00 0.10
CA GLN B 206 -7.60 -10.29 1.26
C GLN B 206 -8.26 -11.10 2.35
N SER B 207 -9.43 -10.68 2.81
CA SER B 207 -10.12 -11.45 3.88
C SER B 207 -10.48 -12.86 3.48
N ALA B 208 -11.01 -13.01 2.26
CA ALA B 208 -11.48 -14.34 1.80
C ALA B 208 -10.25 -15.19 1.57
N ALA B 209 -9.17 -14.59 1.08
CA ALA B 209 -7.96 -15.43 0.91
C ALA B 209 -7.48 -16.01 2.26
N LEU B 210 -7.50 -15.19 3.29
CA LEU B 210 -7.02 -15.64 4.56
C LEU B 210 -7.97 -16.73 5.13
N GLU B 211 -9.26 -16.48 5.05
CA GLU B 211 -10.27 -17.36 5.63
C GLU B 211 -10.43 -18.69 4.87
N LEU B 212 -10.27 -18.67 3.55
CA LEU B 212 -10.54 -19.84 2.68
C LEU B 212 -9.29 -20.70 2.44
N ALA B 213 -8.12 -20.15 2.77
CA ALA B 213 -6.84 -20.88 2.61
C ALA B 213 -6.84 -22.26 3.31
N PRO B 214 -7.45 -22.38 4.53
CA PRO B 214 -7.57 -23.77 5.11
C PRO B 214 -8.37 -24.78 4.24
N TYR B 215 -9.28 -24.31 3.39
CA TYR B 215 -10.05 -25.18 2.49
C TYR B 215 -9.38 -25.35 1.13
N GLY B 216 -8.24 -24.72 0.96
CA GLY B 216 -7.48 -24.85 -0.28
C GLY B 216 -8.08 -24.01 -1.41
N ILE B 217 -8.88 -22.99 -1.06
CA ILE B 217 -9.47 -22.15 -2.10
C ILE B 217 -8.58 -20.92 -2.06
N ARG B 218 -8.01 -20.61 -3.23
CA ARG B 218 -7.17 -19.43 -3.40
C ARG B 218 -8.06 -18.26 -3.83
N VAL B 219 -7.68 -17.05 -3.47
CA VAL B 219 -8.50 -15.84 -3.83
C VAL B 219 -7.56 -14.76 -4.22
N ASN B 220 -7.71 -14.25 -5.43
CA ASN B 220 -6.76 -13.27 -5.98
C ASN B 220 -7.57 -12.25 -6.76
N GLY B 221 -6.88 -11.26 -7.30
CA GLY B 221 -7.49 -10.26 -8.08
C GLY B 221 -6.66 -9.91 -9.30
N VAL B 222 -7.34 -9.39 -10.32
CA VAL B 222 -6.73 -8.83 -11.53
C VAL B 222 -7.22 -7.39 -11.54
N ALA B 223 -6.30 -6.45 -11.65
CA ALA B 223 -6.66 -5.02 -11.60
C ALA B 223 -6.27 -4.35 -12.90
N PRO B 224 -7.26 -4.18 -13.81
CA PRO B 224 -7.00 -3.45 -15.02
C PRO B 224 -6.74 -1.99 -14.74
N GLY B 225 -6.00 -1.37 -15.63
CA GLY B 225 -5.89 0.12 -15.59
C GLY B 225 -6.93 0.67 -16.58
N VAL B 226 -6.53 0.93 -17.85
CA VAL B 226 -7.57 1.15 -18.88
CA VAL B 226 -7.53 1.21 -18.95
C VAL B 226 -7.57 -0.05 -19.81
N SER B 227 -8.71 -0.70 -19.87
CA SER B 227 -8.89 -1.79 -20.78
C SER B 227 -9.93 -1.26 -21.76
N LEU B 228 -10.80 -2.14 -22.25
CA LEU B 228 -11.87 -1.75 -23.18
C LEU B 228 -12.57 -0.49 -22.74
N LEU B 229 -12.54 0.52 -23.60
CA LEU B 229 -13.14 1.81 -23.23
C LEU B 229 -14.67 1.77 -23.40
N PRO B 230 -15.40 2.73 -22.83
CA PRO B 230 -16.86 2.74 -22.98
C PRO B 230 -17.27 2.66 -24.45
N VAL B 231 -18.39 2.03 -24.71
CA VAL B 231 -18.94 1.89 -26.05
C VAL B 231 -19.15 3.21 -26.78
N ALA B 232 -19.86 4.09 -26.12
CA ALA B 232 -20.21 5.33 -26.77
C ALA B 232 -19.07 6.33 -26.88
N MET B 233 -18.10 6.19 -26.01
CA MET B 233 -16.94 7.09 -25.94
C MET B 233 -16.29 7.54 -27.24
N GLY B 234 -16.27 8.86 -27.49
CA GLY B 234 -15.57 9.39 -28.67
C GLY B 234 -14.12 8.92 -28.82
N GLU B 235 -13.67 8.62 -30.06
CA GLU B 235 -12.25 8.28 -30.27
C GLU B 235 -11.29 9.35 -29.73
N GLU B 236 -11.66 10.64 -29.85
CA GLU B 236 -10.78 11.70 -29.31
C GLU B 236 -10.65 11.55 -27.78
N GLU B 237 -11.76 11.19 -27.10
CA GLU B 237 -11.74 10.89 -25.63
C GLU B 237 -10.97 9.61 -25.34
N LYS B 238 -11.19 8.53 -26.12
CA LYS B 238 -10.44 7.27 -25.92
C LYS B 238 -8.92 7.46 -26.01
N ASP B 239 -8.50 8.29 -26.98
CA ASP B 239 -7.13 8.65 -27.20
C ASP B 239 -6.48 9.39 -26.05
N LYS B 240 -7.23 10.26 -25.38
CA LYS B 240 -6.74 10.95 -24.20
CA LYS B 240 -6.74 10.95 -24.20
C LYS B 240 -6.29 9.94 -23.13
N TRP B 241 -7.12 8.90 -22.90
CA TRP B 241 -6.79 7.83 -21.98
C TRP B 241 -5.61 6.97 -22.46
N ARG B 242 -5.66 6.57 -23.72
CA ARG B 242 -4.62 5.72 -24.32
C ARG B 242 -3.27 6.35 -24.20
N ARG B 243 -3.20 7.66 -24.49
CA ARG B 243 -1.95 8.45 -24.45
C ARG B 243 -1.32 8.50 -23.08
N LYS B 244 -2.07 8.13 -22.04
CA LYS B 244 -1.50 8.18 -20.67
C LYS B 244 -0.75 6.89 -20.27
N VAL B 245 -0.92 5.81 -21.04
CA VAL B 245 -0.37 4.52 -20.71
C VAL B 245 1.07 4.45 -21.21
N PRO B 246 2.02 4.28 -20.27
CA PRO B 246 3.45 4.22 -20.66
C PRO B 246 3.75 3.10 -21.66
N LEU B 247 3.21 1.92 -21.42
CA LEU B 247 3.49 0.76 -22.25
C LEU B 247 2.56 0.71 -23.51
N GLY B 248 3.04 1.31 -24.59
CA GLY B 248 2.42 1.21 -25.93
C GLY B 248 1.35 2.28 -26.19
N ARG B 249 1.05 3.14 -25.19
CA ARG B 249 0.03 4.18 -25.37
C ARG B 249 -1.28 3.62 -25.94
N ARG B 250 -1.74 2.52 -25.35
CA ARG B 250 -2.97 1.86 -25.80
C ARG B 250 -3.58 1.21 -24.53
N GLU B 251 -4.88 0.95 -24.58
CA GLU B 251 -5.59 0.23 -23.50
C GLU B 251 -5.31 -1.28 -23.61
N ALA B 252 -5.45 -2.05 -22.48
CA ALA B 252 -5.36 -3.51 -22.57
C ALA B 252 -6.55 -4.06 -23.39
N SER B 253 -6.25 -5.05 -24.22
CA SER B 253 -7.37 -5.85 -24.78
C SER B 253 -8.04 -6.63 -23.64
N ALA B 254 -9.24 -7.11 -23.92
CA ALA B 254 -9.95 -7.96 -22.97
C ALA B 254 -9.17 -9.25 -22.82
N GLU B 255 -8.52 -9.70 -23.88
CA GLU B 255 -7.78 -10.94 -23.75
C GLU B 255 -6.55 -10.83 -22.85
N GLN B 256 -5.94 -9.64 -22.78
CA GLN B 256 -4.78 -9.43 -21.96
C GLN B 256 -5.20 -9.53 -20.49
N ILE B 257 -6.38 -9.03 -20.21
CA ILE B 257 -6.89 -9.08 -18.81
C ILE B 257 -7.18 -10.54 -18.56
N ALA B 258 -7.83 -11.21 -19.55
CA ALA B 258 -8.17 -12.66 -19.35
C ALA B 258 -6.93 -13.49 -19.10
N ASP B 259 -5.83 -13.15 -19.75
CA ASP B 259 -4.57 -13.90 -19.58
C ASP B 259 -4.10 -13.98 -18.08
N ALA B 260 -4.32 -12.88 -17.35
CA ALA B 260 -3.89 -12.80 -15.94
C ALA B 260 -4.82 -13.64 -15.14
N VAL B 261 -6.11 -13.62 -15.49
CA VAL B 261 -7.10 -14.54 -14.84
C VAL B 261 -6.70 -16.02 -15.05
N ILE B 262 -6.43 -16.42 -16.28
CA ILE B 262 -6.02 -17.79 -16.61
C ILE B 262 -4.79 -18.26 -15.83
N PHE B 263 -3.79 -17.38 -15.73
CA PHE B 263 -2.64 -17.60 -14.85
C PHE B 263 -3.08 -17.89 -13.43
N LEU B 264 -3.89 -17.00 -12.84
CA LEU B 264 -4.24 -17.18 -11.42
C LEU B 264 -5.03 -18.42 -11.12
N VAL B 265 -5.83 -18.88 -12.10
CA VAL B 265 -6.60 -20.11 -11.85
C VAL B 265 -5.76 -21.35 -12.14
N SER B 266 -4.58 -21.16 -12.73
CA SER B 266 -3.82 -22.30 -13.30
C SER B 266 -2.99 -22.95 -12.19
N GLY B 267 -2.48 -24.16 -12.45
CA GLY B 267 -1.47 -24.80 -11.57
C GLY B 267 -0.16 -24.05 -11.35
N SER B 268 0.18 -23.13 -12.25
CA SER B 268 1.30 -22.18 -12.11
C SER B 268 1.18 -21.09 -11.02
N ALA B 269 0.01 -21.03 -10.37
CA ALA B 269 -0.29 -20.07 -9.31
C ALA B 269 -0.79 -20.74 -8.07
N GLN B 270 -0.40 -22.02 -7.88
CA GLN B 270 -0.87 -22.80 -6.78
C GLN B 270 -0.49 -22.27 -5.36
N TYR B 271 0.55 -21.45 -5.24
CA TYR B 271 0.93 -20.86 -3.93
C TYR B 271 0.47 -19.39 -3.79
N ILE B 272 -0.17 -18.89 -4.82
CA ILE B 272 -0.55 -17.49 -4.88
C ILE B 272 -1.98 -17.35 -4.31
N THR B 273 -2.10 -16.62 -3.20
CA THR B 273 -3.44 -16.22 -2.72
C THR B 273 -3.36 -14.85 -2.04
N GLY B 274 -4.43 -14.06 -2.15
CA GLY B 274 -4.41 -12.72 -1.57
C GLY B 274 -3.63 -11.69 -2.39
N SER B 275 -3.27 -12.04 -3.60
CA SER B 275 -2.49 -11.14 -4.47
C SER B 275 -3.38 -10.51 -5.50
N ILE B 276 -3.05 -9.25 -5.81
CA ILE B 276 -3.74 -8.54 -6.87
C ILE B 276 -2.74 -8.15 -7.98
N ILE B 277 -2.91 -8.75 -9.16
CA ILE B 277 -2.00 -8.47 -10.26
C ILE B 277 -2.52 -7.29 -11.07
N LYS B 278 -1.77 -6.17 -11.11
CA LYS B 278 -2.17 -5.05 -11.98
C LYS B 278 -1.88 -5.46 -13.38
N VAL B 279 -2.76 -5.09 -14.30
CA VAL B 279 -2.50 -5.34 -15.73
C VAL B 279 -2.85 -4.01 -16.33
N ASP B 280 -1.93 -3.03 -16.22
CA ASP B 280 -2.27 -1.64 -16.50
C ASP B 280 -1.25 -0.89 -17.39
N GLY B 281 -0.26 -1.58 -17.96
CA GLY B 281 0.69 -0.88 -18.87
C GLY B 281 1.49 0.19 -18.16
N GLY B 282 1.56 0.13 -16.82
CA GLY B 282 2.28 1.13 -16.01
C GLY B 282 1.44 2.37 -15.73
N LEU B 283 0.17 2.35 -16.11
CA LEU B 283 -0.68 3.56 -15.89
C LEU B 283 -0.72 4.11 -14.45
N SER B 284 -0.79 3.21 -13.49
CA SER B 284 -0.88 3.63 -12.08
C SER B 284 0.43 4.26 -11.55
N LEU B 285 1.52 4.20 -12.31
CA LEU B 285 2.82 4.77 -11.89
C LEU B 285 3.02 6.20 -12.33
N VAL B 286 2.06 6.71 -13.11
CA VAL B 286 2.20 8.01 -13.79
C VAL B 286 1.66 9.08 -12.84
N HIS B 287 2.50 10.03 -12.46
CA HIS B 287 2.05 11.13 -11.60
C HIS B 287 1.18 12.10 -12.41
N ALA B 288 0.42 12.96 -11.73
CA ALA B 288 -0.44 13.96 -12.41
C ALA B 288 0.35 14.92 -13.32
N ALA C 23 15.11 21.11 29.37
CA ALA C 23 14.76 21.43 27.96
C ALA C 23 15.29 20.36 26.97
N PRO C 24 14.39 19.84 26.08
CA PRO C 24 14.85 18.70 25.30
C PRO C 24 15.73 19.23 24.17
N ALA C 25 16.46 18.35 23.46
CA ALA C 25 17.33 18.85 22.41
C ALA C 25 17.07 18.11 21.09
N ALA C 26 17.22 18.80 19.96
CA ALA C 26 16.93 18.15 18.65
C ALA C 26 18.09 18.31 17.65
N VAL C 27 18.35 17.30 16.85
CA VAL C 27 19.27 17.45 15.73
C VAL C 27 18.43 17.54 14.44
N VAL C 28 18.68 18.54 13.61
CA VAL C 28 18.04 18.55 12.31
C VAL C 28 19.09 18.57 11.23
N THR C 29 19.04 17.61 10.30
CA THR C 29 20.07 17.60 9.20
C THR C 29 19.62 18.47 8.10
N GLY C 30 20.56 19.08 7.34
CA GLY C 30 20.25 20.02 6.29
C GLY C 30 19.38 21.19 6.78
N ALA C 31 19.74 21.74 7.93
CA ALA C 31 18.87 22.68 8.64
C ALA C 31 19.11 24.15 8.28
N ALA C 32 19.97 24.43 7.30
CA ALA C 32 20.38 25.82 7.11
C ALA C 32 19.38 26.55 6.27
N LYS C 33 18.67 25.79 5.41
CA LYS C 33 17.76 26.41 4.47
C LYS C 33 16.44 25.63 4.37
N ARG C 34 15.45 26.34 3.79
CA ARG C 34 14.25 25.78 3.27
C ARG C 34 13.55 24.93 4.33
N ILE C 35 13.27 23.65 4.06
CA ILE C 35 12.43 22.86 4.98
C ILE C 35 13.15 22.59 6.33
N GLY C 36 14.45 22.22 6.30
CA GLY C 36 15.14 21.92 7.60
C GLY C 36 15.21 23.16 8.54
N ARG C 37 15.38 24.31 7.92
CA ARG C 37 15.33 25.61 8.63
C ARG C 37 14.01 25.84 9.32
N ALA C 38 12.90 25.68 8.56
CA ALA C 38 11.55 25.84 9.10
C ALA C 38 11.36 24.84 10.25
N ILE C 39 11.88 23.63 10.05
CA ILE C 39 11.81 22.62 11.10
C ILE C 39 12.60 23.05 12.34
N ALA C 40 13.83 23.50 12.14
CA ALA C 40 14.66 23.96 13.31
C ALA C 40 14.01 25.09 14.11
N VAL C 41 13.51 26.08 13.36
CA VAL C 41 12.87 27.26 13.98
C VAL C 41 11.67 26.81 14.79
N LYS C 42 10.80 25.99 14.17
CA LYS C 42 9.62 25.54 14.85
C LYS C 42 9.96 24.69 16.09
N LEU C 43 10.98 23.83 16.01
CA LEU C 43 11.37 23.05 17.19
C LEU C 43 11.84 23.97 18.35
N HIS C 44 12.68 24.90 17.93
CA HIS C 44 13.20 25.93 18.84
C HIS C 44 12.05 26.74 19.48
N GLN C 45 11.15 27.22 18.65
CA GLN C 45 9.92 27.91 19.13
C GLN C 45 9.06 27.07 20.08
N THR C 46 9.11 25.73 19.96
CA THR C 46 8.45 24.81 20.89
C THR C 46 9.27 24.58 22.17
N GLY C 47 10.49 25.07 22.18
CA GLY C 47 11.31 24.99 23.39
C GLY C 47 12.47 24.02 23.33
N TYR C 48 12.70 23.42 22.16
CA TYR C 48 13.91 22.60 21.98
C TYR C 48 15.16 23.46 21.83
N ARG C 49 16.26 22.92 22.34
CA ARG C 49 17.59 23.35 21.89
C ARG C 49 17.93 22.62 20.59
N VAL C 50 18.69 23.24 19.70
CA VAL C 50 18.81 22.64 18.34
C VAL C 50 20.23 22.57 17.84
N VAL C 51 20.60 21.45 17.25
CA VAL C 51 21.79 21.37 16.37
C VAL C 51 21.36 21.57 14.96
N ILE C 52 21.94 22.59 14.34
CA ILE C 52 21.71 22.91 12.96
C ILE C 52 22.82 22.30 12.12
N HIS C 53 22.53 21.19 11.45
CA HIS C 53 23.58 20.53 10.67
C HIS C 53 23.62 21.17 9.33
N TYR C 54 24.82 21.26 8.71
CA TYR C 54 24.96 21.79 7.38
C TYR C 54 26.15 21.11 6.70
N HIS C 55 26.15 21.09 5.40
CA HIS C 55 27.28 20.61 4.64
C HIS C 55 28.01 21.83 4.03
N ASN C 56 27.40 22.52 3.06
CA ASN C 56 28.03 23.67 2.40
C ASN C 56 27.49 25.03 2.86
N SER C 57 26.44 25.00 3.65
CA SER C 57 25.73 26.24 3.94
C SER C 57 26.12 26.80 5.33
N ALA C 58 27.44 27.03 5.52
CA ALA C 58 27.94 27.62 6.78
C ALA C 58 27.34 28.98 7.22
N GLU C 59 27.32 29.91 6.30
CA GLU C 59 26.86 31.28 6.64
C GLU C 59 25.40 31.27 7.08
N ALA C 60 24.61 30.52 6.32
CA ALA C 60 23.21 30.38 6.61
C ALA C 60 22.93 29.65 7.94
N ALA C 61 23.71 28.57 8.25
CA ALA C 61 23.53 27.83 9.51
C ALA C 61 23.83 28.69 10.71
N VAL C 62 24.96 29.37 10.61
CA VAL C 62 25.39 30.31 11.66
C VAL C 62 24.40 31.51 11.82
N SER C 63 23.92 32.05 10.69
CA SER C 63 22.89 33.12 10.75
C SER C 63 21.64 32.62 11.49
N LEU C 64 21.25 31.37 11.23
CA LEU C 64 20.08 30.83 11.91
C LEU C 64 20.40 30.66 13.40
N ALA C 65 21.55 30.04 13.72
CA ALA C 65 21.97 29.84 15.13
C ALA C 65 21.95 31.17 15.90
N ASP C 66 22.47 32.22 15.24
CA ASP C 66 22.53 33.59 15.82
C ASP C 66 21.11 34.10 16.11
N GLU C 67 20.21 33.98 15.13
CA GLU C 67 18.82 34.37 15.36
C GLU C 67 18.15 33.59 16.53
N LEU C 68 18.39 32.27 16.61
CA LEU C 68 17.83 31.46 17.71
C LEU C 68 18.46 31.74 19.07
N ASN C 69 19.78 31.94 19.10
CA ASN C 69 20.47 32.35 20.35
C ASN C 69 20.09 33.78 20.86
N LYS C 70 19.81 34.72 19.95
CA LYS C 70 19.22 36.03 20.36
C LYS C 70 17.90 35.83 21.13
N GLU C 71 17.01 34.97 20.59
CA GLU C 71 15.76 34.60 21.31
C GLU C 71 16.01 33.96 22.69
N ARG C 72 16.90 32.96 22.74
CA ARG C 72 17.25 32.25 23.99
C ARG C 72 18.70 31.92 23.87
N SER C 73 19.54 32.43 24.78
CA SER C 73 20.98 32.27 24.56
C SER C 73 21.46 30.82 24.82
N ASN C 74 22.44 30.42 24.01
CA ASN C 74 23.06 29.08 24.13
C ASN C 74 22.00 27.96 23.90
N THR C 75 21.04 28.19 23.03
CA THR C 75 20.10 27.09 22.75
C THR C 75 20.27 26.52 21.34
N ALA C 76 21.25 27.00 20.58
CA ALA C 76 21.44 26.59 19.14
C ALA C 76 22.89 26.57 18.78
N VAL C 77 23.34 25.43 18.29
CA VAL C 77 24.71 25.26 17.86
C VAL C 77 24.68 24.80 16.40
N VAL C 78 25.79 24.94 15.67
CA VAL C 78 25.91 24.36 14.32
C VAL C 78 26.83 23.11 14.28
N CYS C 79 26.66 22.26 13.25
CA CYS C 79 27.53 21.12 13.12
C CYS C 79 27.74 20.86 11.64
N GLN C 80 29.00 20.83 11.21
CA GLN C 80 29.29 20.53 9.79
C GLN C 80 29.44 19.03 9.56
N ALA C 81 28.83 18.52 8.48
CA ALA C 81 29.20 17.16 8.04
C ALA C 81 28.76 16.92 6.62
N ASP C 82 29.58 16.23 5.86
CA ASP C 82 29.18 15.71 4.54
C ASP C 82 28.44 14.40 4.80
N LEU C 83 27.22 14.28 4.26
CA LEU C 83 26.41 13.06 4.42
C LEU C 83 26.39 12.10 3.18
N THR C 84 27.21 12.41 2.18
CA THR C 84 27.60 11.46 1.12
C THR C 84 28.04 10.11 1.69
N ASN C 85 27.63 8.99 1.06
CA ASN C 85 28.16 7.69 1.49
C ASN C 85 29.67 7.54 1.18
N SER C 86 30.43 7.07 2.20
CA SER C 86 31.88 6.87 2.09
C SER C 86 32.34 6.12 3.32
N ASN C 87 33.60 5.66 3.30
CA ASN C 87 34.22 4.94 4.46
C ASN C 87 34.15 5.71 5.78
N VAL C 88 34.05 7.06 5.69
CA VAL C 88 33.93 7.95 6.91
C VAL C 88 32.52 8.48 7.29
N LEU C 89 31.51 8.08 6.51
CA LEU C 89 30.14 8.53 6.84
C LEU C 89 29.73 8.05 8.24
N PRO C 90 30.08 6.78 8.65
CA PRO C 90 29.70 6.42 10.01
C PRO C 90 30.27 7.39 11.08
N ALA C 91 31.54 7.75 10.96
CA ALA C 91 32.14 8.75 11.88
C ALA C 91 31.49 10.15 11.80
N SER C 92 31.15 10.59 10.60
CA SER C 92 30.42 11.89 10.51
C SER C 92 29.06 11.90 11.18
N CYS C 93 28.34 10.76 11.10
CA CYS C 93 27.03 10.61 11.68
C CYS C 93 27.13 10.53 13.19
N GLU C 94 28.12 9.79 13.66
CA GLU C 94 28.40 9.71 15.11
C GLU C 94 28.67 11.10 15.64
N GLU C 95 29.43 11.89 14.89
CA GLU C 95 29.80 13.23 15.33
C GLU C 95 28.58 14.14 15.44
N ILE C 96 27.68 14.03 14.45
CA ILE C 96 26.48 14.86 14.49
C ILE C 96 25.69 14.59 15.78
N ILE C 97 25.51 13.30 16.10
CA ILE C 97 24.78 12.94 17.31
C ILE C 97 25.55 13.43 18.56
N ASN C 98 26.86 13.20 18.52
CA ASN C 98 27.73 13.66 19.63
C ASN C 98 27.64 15.15 19.96
N SER C 99 27.59 15.98 18.92
CA SER C 99 27.49 17.45 19.07
CA SER C 99 27.50 17.44 19.07
C SER C 99 26.26 17.87 19.85
N CYS C 100 25.17 17.11 19.68
CA CYS C 100 23.96 17.38 20.45
C CYS C 100 24.21 17.07 21.94
N PHE C 101 24.74 15.86 22.21
CA PHE C 101 25.05 15.43 23.59
C PHE C 101 26.07 16.38 24.30
N ARG C 102 27.09 16.78 23.54
CA ARG C 102 28.07 17.79 24.00
C ARG C 102 27.49 19.11 24.35
N ALA C 103 26.68 19.67 23.44
CA ALA C 103 26.12 20.98 23.62
C ALA C 103 25.10 20.99 24.74
N PHE C 104 24.34 19.89 24.90
CA PHE C 104 23.06 20.00 25.60
C PHE C 104 22.89 18.92 26.59
N GLY C 105 23.76 17.92 26.52
CA GLY C 105 23.69 16.79 27.48
C GLY C 105 22.60 15.75 27.23
N ARG C 106 21.87 15.85 26.11
CA ARG C 106 20.82 14.87 25.78
C ARG C 106 20.53 15.07 24.27
N CYS C 107 19.79 14.13 23.67
CA CYS C 107 19.38 14.26 22.28
C CYS C 107 18.06 13.51 22.22
N ASP C 108 16.98 14.27 22.09
CA ASP C 108 15.61 13.70 22.23
C ASP C 108 14.98 13.41 20.86
N VAL C 109 15.42 14.15 19.86
CA VAL C 109 14.78 14.20 18.55
C VAL C 109 15.84 14.26 17.47
N LEU C 110 15.71 13.35 16.48
CA LEU C 110 16.52 13.37 15.29
C LEU C 110 15.57 13.62 14.10
N VAL C 111 15.83 14.63 13.30
CA VAL C 111 15.05 14.87 12.09
C VAL C 111 16.00 14.64 10.90
N ASN C 112 15.78 13.55 10.16
CA ASN C 112 16.55 13.28 8.95
C ASN C 112 15.91 14.03 7.78
N ASN C 113 16.42 15.22 7.55
CA ASN C 113 15.88 16.09 6.54
C ASN C 113 16.81 16.27 5.32
N ALA C 114 18.12 16.16 5.51
CA ALA C 114 19.07 16.41 4.40
C ALA C 114 18.80 15.48 3.24
N SER C 115 19.02 15.96 2.02
CA SER C 115 18.61 15.22 0.86
C SER C 115 19.26 15.79 -0.38
N ALA C 116 19.77 14.90 -1.22
CA ALA C 116 20.18 15.18 -2.56
C ALA C 116 19.03 14.78 -3.50
N PHE C 117 18.91 15.52 -4.58
CA PHE C 117 17.79 15.38 -5.52
C PHE C 117 18.25 15.82 -6.90
N TYR C 118 18.26 14.89 -7.86
CA TYR C 118 18.58 15.20 -9.25
C TYR C 118 18.37 13.97 -10.13
N PRO C 119 18.18 14.16 -11.47
CA PRO C 119 17.85 12.98 -12.31
C PRO C 119 19.01 12.02 -12.55
N THR C 120 18.73 10.72 -12.70
CA THR C 120 19.74 9.73 -12.99
C THR C 120 19.17 8.79 -14.09
N PRO C 121 19.16 9.21 -15.38
CA PRO C 121 18.49 8.43 -16.46
C PRO C 121 19.07 7.03 -16.60
N LEU C 122 18.21 6.04 -16.86
CA LEU C 122 18.72 4.69 -17.01
C LEU C 122 19.37 4.51 -18.39
N VAL C 123 18.90 5.28 -19.40
CA VAL C 123 19.43 5.18 -20.76
C VAL C 123 20.06 6.51 -21.15
N LYS C 134 29.21 13.79 -12.89
CA LYS C 134 29.23 12.85 -11.79
C LYS C 134 29.22 11.44 -12.34
N THR C 135 30.18 10.63 -11.89
CA THR C 135 30.09 9.20 -12.13
C THR C 135 28.82 8.62 -11.46
N VAL C 136 28.34 7.54 -12.07
CA VAL C 136 27.21 6.80 -11.50
C VAL C 136 27.47 6.47 -10.02
N GLU C 137 28.70 6.03 -9.66
CA GLU C 137 28.95 5.65 -8.26
C GLU C 137 28.97 6.86 -7.34
N THR C 138 29.30 8.04 -7.86
CA THR C 138 29.08 9.25 -7.05
C THR C 138 27.58 9.59 -6.81
N GLN C 139 26.79 9.37 -7.86
CA GLN C 139 25.36 9.57 -7.78
C GLN C 139 24.75 8.61 -6.77
N VAL C 140 25.26 7.40 -6.73
CA VAL C 140 24.84 6.42 -5.72
C VAL C 140 25.19 6.93 -4.31
N ALA C 141 26.46 7.35 -4.15
CA ALA C 141 26.94 7.86 -2.87
C ALA C 141 26.08 9.06 -2.33
N GLU C 142 25.66 9.94 -3.20
CA GLU C 142 24.88 11.11 -2.85
C GLU C 142 23.43 10.79 -2.67
N LEU C 143 22.81 10.23 -3.72
CA LEU C 143 21.40 9.96 -3.70
C LEU C 143 21.02 8.84 -2.73
N ILE C 144 21.78 7.75 -2.68
CA ILE C 144 21.48 6.74 -1.68
C ILE C 144 22.11 7.06 -0.33
N GLY C 145 23.32 7.59 -0.34
CA GLY C 145 23.99 7.94 0.91
C GLY C 145 23.28 8.97 1.75
N THR C 146 23.04 10.16 1.17
CA THR C 146 22.32 11.20 1.92
C THR C 146 20.92 10.77 2.26
N ASN C 147 20.22 10.16 1.29
CA ASN C 147 18.76 9.93 1.45
C ASN C 147 18.41 8.75 2.32
N ALA C 148 19.31 7.77 2.42
CA ALA C 148 18.97 6.55 3.11
C ALA C 148 20.05 6.06 4.08
N ILE C 149 21.30 6.06 3.60
CA ILE C 149 22.39 5.52 4.43
CA ILE C 149 22.41 5.52 4.39
C ILE C 149 22.70 6.41 5.61
N ALA C 150 22.80 7.70 5.40
CA ALA C 150 23.06 8.60 6.53
C ALA C 150 21.92 8.54 7.54
N PRO C 151 20.66 8.53 7.06
CA PRO C 151 19.58 8.35 8.03
C PRO C 151 19.71 7.08 8.88
N PHE C 152 20.15 6.01 8.22
CA PHE C 152 20.36 4.73 8.90
C PHE C 152 21.46 4.88 10.01
N LEU C 153 22.57 5.52 9.62
CA LEU C 153 23.74 5.62 10.52
C LEU C 153 23.44 6.58 11.66
N LEU C 154 22.79 7.68 11.33
CA LEU C 154 22.36 8.62 12.38
C LEU C 154 21.40 7.96 13.35
N THR C 155 20.49 7.11 12.81
CA THR C 155 19.54 6.35 13.62
C THR C 155 20.29 5.43 14.58
N MET C 156 21.27 4.65 14.07
CA MET C 156 22.09 3.79 14.92
CA MET C 156 22.08 3.80 14.90
C MET C 156 22.78 4.61 16.00
N SER C 157 23.44 5.73 15.61
CA SER C 157 24.15 6.54 16.62
C SER C 157 23.18 7.10 17.67
N PHE C 158 22.02 7.61 17.22
CA PHE C 158 21.03 8.20 18.12
C PHE C 158 20.58 7.16 19.11
N ALA C 159 20.26 5.95 18.61
CA ALA C 159 19.77 4.85 19.45
C ALA C 159 20.84 4.37 20.43
N GLN C 160 22.06 4.16 19.92
CA GLN C 160 23.20 3.62 20.74
C GLN C 160 23.45 4.51 21.95
N ARG C 161 23.43 5.82 21.71
CA ARG C 161 23.67 6.81 22.74
C ARG C 161 22.50 6.99 23.75
N GLN C 162 21.34 6.34 23.57
CA GLN C 162 20.27 6.47 24.58
C GLN C 162 20.40 5.46 25.72
N SER C 172 10.68 10.69 29.23
CA SER C 172 11.28 10.46 27.91
C SER C 172 10.25 10.63 26.76
N ASN C 173 10.60 11.41 25.75
CA ASN C 173 9.81 11.45 24.51
C ASN C 173 10.77 11.49 23.29
N LEU C 174 11.36 10.33 23.03
CA LEU C 174 12.42 10.23 22.03
C LEU C 174 11.78 9.84 20.71
N SER C 175 12.10 10.57 19.66
CA SER C 175 11.57 10.19 18.36
C SER C 175 12.49 10.60 17.27
N ILE C 176 12.30 9.96 16.12
CA ILE C 176 13.04 10.24 14.91
C ILE C 176 11.98 10.53 13.86
N VAL C 177 12.17 11.59 13.10
CA VAL C 177 11.30 11.85 11.99
C VAL C 177 12.12 11.83 10.70
N ASN C 178 11.66 11.04 9.73
CA ASN C 178 12.33 11.00 8.46
C ASN C 178 11.54 11.74 7.37
N LEU C 179 12.21 12.61 6.60
CA LEU C 179 11.53 13.33 5.50
C LEU C 179 11.51 12.47 4.26
N CYS C 180 10.26 11.99 3.99
CA CYS C 180 10.00 11.01 2.95
C CYS C 180 9.57 11.69 1.67
N ASP C 181 8.76 11.02 0.84
CA ASP C 181 8.31 11.69 -0.36
C ASP C 181 6.93 11.11 -0.68
N ALA C 182 5.92 11.98 -0.81
CA ALA C 182 4.55 11.52 -0.99
C ALA C 182 4.37 10.86 -2.38
N MET C 183 5.27 11.14 -3.34
CA MET C 183 5.10 10.73 -4.76
C MET C 183 5.98 9.55 -5.14
N VAL C 184 6.43 8.83 -4.10
CA VAL C 184 7.34 7.69 -4.18
C VAL C 184 6.81 6.55 -5.07
N ASP C 185 5.49 6.35 -5.11
CA ASP C 185 4.87 5.35 -5.99
C ASP C 185 4.43 5.83 -7.37
N GLN C 186 4.58 7.13 -7.62
CA GLN C 186 4.27 7.70 -8.90
C GLN C 186 5.50 8.55 -9.25
N PRO C 187 6.65 7.89 -9.34
CA PRO C 187 7.88 8.68 -9.30
C PRO C 187 8.07 9.58 -10.56
N CYS C 188 8.83 10.65 -10.40
CA CYS C 188 9.25 11.47 -11.55
C CYS C 188 10.12 10.63 -12.51
N MET C 189 9.86 10.78 -13.80
CA MET C 189 10.59 10.12 -14.89
C MET C 189 12.10 10.40 -14.81
N ALA C 190 12.92 9.36 -14.92
CA ALA C 190 14.40 9.45 -14.82
C ALA C 190 14.98 9.81 -13.43
N PHE C 191 14.22 9.55 -12.36
CA PHE C 191 14.71 9.79 -11.01
C PHE C 191 14.84 8.46 -10.26
N SER C 192 15.30 7.36 -10.92
CA SER C 192 15.39 6.02 -10.29
CA SER C 192 15.33 6.04 -10.27
C SER C 192 16.16 6.02 -8.97
N LEU C 193 17.37 6.58 -8.99
CA LEU C 193 18.17 6.50 -7.76
C LEU C 193 17.56 7.27 -6.64
N TYR C 194 17.04 8.47 -6.94
CA TYR C 194 16.38 9.28 -5.90
C TYR C 194 15.20 8.45 -5.34
N ASN C 195 14.37 7.92 -6.21
CA ASN C 195 13.21 7.07 -5.79
C ASN C 195 13.61 5.87 -4.97
N MET C 196 14.71 5.24 -5.38
CA MET C 196 15.28 4.11 -4.64
C MET C 196 15.59 4.50 -3.21
N GLY C 197 16.29 5.64 -3.06
CA GLY C 197 16.72 6.19 -1.80
C GLY C 197 15.50 6.50 -0.91
N LYS C 198 14.46 7.10 -1.51
CA LYS C 198 13.28 7.43 -0.72
C LYS C 198 12.48 6.18 -0.38
N HIS C 199 12.46 5.18 -1.22
CA HIS C 199 11.81 3.93 -0.81
C HIS C 199 12.62 3.25 0.30
N ALA C 200 13.94 3.26 0.14
CA ALA C 200 14.83 2.70 1.21
C ALA C 200 14.54 3.41 2.57
N LEU C 201 14.26 4.72 2.51
CA LEU C 201 14.00 5.55 3.71
C LEU C 201 12.68 5.09 4.38
N VAL C 202 11.67 4.78 3.54
CA VAL C 202 10.41 4.15 4.06
C VAL C 202 10.72 2.82 4.77
N GLY C 203 11.53 1.97 4.11
CA GLY C 203 11.99 0.72 4.73
C GLY C 203 12.67 0.94 6.07
N LEU C 204 13.55 1.93 6.15
CA LEU C 204 14.19 2.26 7.40
C LEU C 204 13.18 2.77 8.44
N THR C 205 12.20 3.59 8.04
CA THR C 205 11.27 4.13 9.00
C THR C 205 10.53 2.99 9.67
N GLN C 206 10.03 2.04 8.87
CA GLN C 206 9.33 0.86 9.40
C GLN C 206 10.24 -0.02 10.22
N SER C 207 11.41 -0.37 9.68
CA SER C 207 12.28 -1.31 10.41
C SER C 207 12.75 -0.73 11.74
N ALA C 208 13.12 0.52 11.71
CA ALA C 208 13.60 1.16 12.92
C ALA C 208 12.46 1.37 13.90
N ALA C 209 11.26 1.72 13.41
CA ALA C 209 10.13 1.83 14.34
C ALA C 209 9.94 0.48 15.05
N LEU C 210 10.02 -0.64 14.32
CA LEU C 210 9.84 -1.95 14.94
C LEU C 210 10.95 -2.25 15.99
N GLU C 211 12.18 -2.06 15.57
CA GLU C 211 13.35 -2.40 16.40
C GLU C 211 13.57 -1.48 17.60
N LEU C 212 13.19 -0.22 17.47
CA LEU C 212 13.43 0.72 18.55
C LEU C 212 12.25 0.96 19.45
N ALA C 213 11.13 0.40 19.09
CA ALA C 213 9.95 0.55 19.93
C ALA C 213 10.23 0.09 21.38
N PRO C 214 10.96 -1.04 21.57
CA PRO C 214 11.31 -1.50 22.95
C PRO C 214 12.06 -0.49 23.81
N TYR C 215 12.84 0.38 23.17
CA TYR C 215 13.55 1.49 23.79
C TYR C 215 12.75 2.75 23.99
N GLY C 216 11.48 2.72 23.62
CA GLY C 216 10.62 3.90 23.67
C GLY C 216 11.05 4.92 22.62
N ILE C 217 11.76 4.53 21.55
CA ILE C 217 12.11 5.52 20.52
C ILE C 217 11.07 5.35 19.40
N ARG C 218 10.32 6.40 19.13
CA ARG C 218 9.31 6.38 18.01
C ARG C 218 10.01 6.77 16.72
N VAL C 219 9.56 6.20 15.58
CA VAL C 219 10.23 6.53 14.29
C VAL C 219 9.11 6.72 13.27
N ASN C 220 9.01 7.94 12.74
CA ASN C 220 7.94 8.29 11.83
C ASN C 220 8.45 9.02 10.63
N GLY C 221 7.56 9.25 9.65
CA GLY C 221 7.93 9.94 8.43
C GLY C 221 6.94 11.10 8.17
N VAL C 222 7.45 12.14 7.51
CA VAL C 222 6.66 13.21 6.88
C VAL C 222 6.99 13.21 5.39
N ALA C 223 5.95 13.14 4.53
CA ALA C 223 6.11 12.90 3.10
C ALA C 223 5.51 14.12 2.38
N PRO C 224 6.36 15.16 2.08
CA PRO C 224 5.85 16.30 1.30
C PRO C 224 5.57 15.87 -0.15
N GLY C 225 4.67 16.59 -0.82
CA GLY C 225 4.45 16.41 -2.28
C GLY C 225 5.30 17.44 -3.01
N VAL C 226 4.67 18.48 -3.54
CA VAL C 226 5.46 19.65 -3.93
C VAL C 226 5.43 20.67 -2.78
N SER C 227 6.61 20.97 -2.25
CA SER C 227 6.74 22.04 -1.27
C SER C 227 7.61 23.05 -2.01
N LEU C 228 8.47 23.77 -1.28
CA LEU C 228 9.46 24.69 -1.88
C LEU C 228 10.06 24.04 -3.14
N LEU C 229 9.87 24.70 -4.27
CA LEU C 229 10.37 24.23 -5.58
C LEU C 229 11.90 24.42 -5.67
N PRO C 230 12.61 23.65 -6.53
CA PRO C 230 14.08 23.60 -6.41
C PRO C 230 14.77 24.89 -6.89
N ASP C 239 4.72 26.60 -11.40
CA ASP C 239 3.34 26.91 -11.78
C ASP C 239 2.63 25.67 -12.34
N LYS C 240 3.32 24.96 -13.22
CA LYS C 240 2.75 23.75 -13.84
C LYS C 240 2.46 22.70 -12.76
N TRP C 241 3.40 22.54 -11.83
CA TRP C 241 3.24 21.61 -10.73
C TRP C 241 2.19 22.16 -9.77
N ARG C 242 2.30 23.44 -9.43
CA ARG C 242 1.33 24.09 -8.53
C ARG C 242 -0.11 23.82 -8.93
N ARG C 243 -0.36 23.94 -10.23
CA ARG C 243 -1.67 23.72 -10.82
C ARG C 243 -2.27 22.28 -10.57
N LYS C 244 -1.43 21.28 -10.29
CA LYS C 244 -1.95 19.91 -10.21
C LYS C 244 -2.49 19.57 -8.80
N VAL C 245 -2.15 20.39 -7.81
CA VAL C 245 -2.43 20.14 -6.39
C VAL C 245 -3.92 20.43 -6.11
N PRO C 246 -4.69 19.39 -5.66
CA PRO C 246 -6.12 19.61 -5.33
C PRO C 246 -6.40 20.73 -4.33
N LEU C 247 -5.66 20.76 -3.21
CA LEU C 247 -5.88 21.72 -2.15
C LEU C 247 -5.15 23.04 -2.42
N GLY C 248 -5.78 23.88 -3.25
CA GLY C 248 -5.45 25.31 -3.35
C GLY C 248 -4.45 25.62 -4.40
N ARG C 249 -4.11 24.63 -5.23
CA ARG C 249 -3.32 24.85 -6.46
C ARG C 249 -1.99 25.60 -6.17
N ARG C 250 -1.40 25.25 -5.04
CA ARG C 250 -0.13 25.79 -4.60
C ARG C 250 0.70 24.75 -3.85
N GLU C 251 2.02 24.94 -3.80
CA GLU C 251 2.91 24.13 -2.94
C GLU C 251 2.71 24.42 -1.43
N ALA C 252 3.12 23.40 -0.63
CA ALA C 252 3.23 23.48 0.82
C ALA C 252 4.31 24.52 1.09
N SER C 253 4.04 25.39 2.04
CA SER C 253 5.15 26.10 2.62
C SER C 253 5.98 25.11 3.47
N ALA C 254 7.22 25.50 3.71
CA ALA C 254 8.07 24.73 4.61
C ALA C 254 7.46 24.63 6.01
N GLU C 255 6.75 25.65 6.46
CA GLU C 255 6.18 25.62 7.82
CA GLU C 255 6.18 25.62 7.82
C GLU C 255 5.10 24.54 7.95
N GLN C 256 4.40 24.27 6.85
CA GLN C 256 3.33 23.27 6.86
C GLN C 256 3.98 21.89 7.04
N ILE C 257 5.14 21.71 6.41
CA ILE C 257 5.90 20.49 6.60
C ILE C 257 6.37 20.37 8.06
N ALA C 258 6.93 21.48 8.59
CA ALA C 258 7.45 21.48 9.92
C ALA C 258 6.34 21.22 10.93
N ASP C 259 5.14 21.70 10.66
CA ASP C 259 3.94 21.49 11.58
C ASP C 259 3.68 19.98 11.78
N ALA C 260 3.83 19.22 10.70
CA ALA C 260 3.65 17.78 10.79
C ALA C 260 4.77 17.14 11.61
N VAL C 261 5.97 17.65 11.41
CA VAL C 261 7.13 17.21 12.22
C VAL C 261 6.86 17.52 13.68
N ILE C 262 6.47 18.75 13.99
CA ILE C 262 6.17 19.11 15.39
C ILE C 262 5.12 18.24 16.04
N PHE C 263 4.03 17.92 15.32
CA PHE C 263 3.01 16.97 15.83
C PHE C 263 3.73 15.65 16.20
N LEU C 264 4.47 15.09 15.24
CA LEU C 264 5.01 13.75 15.43
C LEU C 264 5.99 13.69 16.65
N VAL C 265 6.74 14.75 16.93
CA VAL C 265 7.67 14.70 18.09
C VAL C 265 6.92 14.96 19.44
N SER C 266 5.72 15.50 19.36
CA SER C 266 4.99 15.98 20.53
C SER C 266 4.38 14.84 21.36
N GLY C 267 3.90 15.20 22.56
CA GLY C 267 3.13 14.29 23.44
C GLY C 267 1.83 13.82 22.79
N SER C 268 1.29 14.62 21.86
CA SER C 268 0.07 14.23 21.08
C SER C 268 0.28 13.08 20.08
N ALA C 269 1.53 12.60 19.96
CA ALA C 269 1.81 11.49 19.06
C ALA C 269 2.53 10.34 19.77
N GLN C 270 2.35 10.22 21.10
CA GLN C 270 3.10 9.25 21.93
CA GLN C 270 3.14 9.24 21.89
C GLN C 270 2.84 7.76 21.57
N TYR C 271 1.71 7.49 20.92
CA TYR C 271 1.41 6.16 20.44
C TYR C 271 1.75 5.93 18.95
N ILE C 272 2.26 6.93 18.28
CA ILE C 272 2.42 6.88 16.83
C ILE C 272 3.87 6.45 16.50
N THR C 273 4.02 5.29 15.89
CA THR C 273 5.37 4.92 15.33
C THR C 273 5.17 4.07 14.03
N GLY C 274 6.11 4.20 13.09
CA GLY C 274 6.04 3.54 11.79
C GLY C 274 5.04 4.18 10.86
N SER C 275 4.60 5.40 11.14
CA SER C 275 3.60 6.06 10.36
C SER C 275 4.26 7.13 9.54
N ILE C 276 3.73 7.36 8.34
CA ILE C 276 4.27 8.33 7.41
C ILE C 276 3.07 9.21 7.11
N ILE C 277 3.18 10.46 7.47
CA ILE C 277 2.12 11.40 7.23
C ILE C 277 2.36 12.15 5.93
N LYS C 278 1.46 11.99 4.95
CA LYS C 278 1.60 12.79 3.71
C LYS C 278 1.17 14.22 3.97
N VAL C 279 1.89 15.16 3.39
CA VAL C 279 1.59 16.57 3.51
C VAL C 279 1.75 17.08 2.10
N ASP C 280 0.76 16.83 1.25
CA ASP C 280 0.91 16.97 -0.20
C ASP C 280 -0.32 17.65 -0.86
N GLY C 281 -1.29 18.07 -0.06
CA GLY C 281 -2.44 18.84 -0.60
C GLY C 281 -3.28 17.96 -1.50
N GLY C 282 -3.14 16.62 -1.35
CA GLY C 282 -3.86 15.65 -2.19
C GLY C 282 -3.18 15.34 -3.50
N LEU C 283 -1.96 15.83 -3.73
CA LEU C 283 -1.29 15.60 -5.06
C LEU C 283 -1.18 14.09 -5.42
N SER C 284 -0.86 13.24 -4.43
CA SER C 284 -0.63 11.80 -4.71
C SER C 284 -1.93 11.03 -5.09
N LEU C 285 -3.10 11.65 -4.88
CA LEU C 285 -4.40 11.07 -5.28
C LEU C 285 -4.76 11.36 -6.75
N VAL C 286 -3.98 12.20 -7.44
CA VAL C 286 -4.40 12.69 -8.75
C VAL C 286 -3.88 11.75 -9.86
N HIS C 287 -4.78 11.18 -10.67
CA HIS C 287 -4.28 10.28 -11.69
C HIS C 287 -3.67 11.10 -12.85
N ALA C 288 -2.96 10.39 -13.74
CA ALA C 288 -2.35 10.92 -14.96
C ALA C 288 -3.34 11.66 -15.87
N GLU D 22 -18.69 33.20 16.04
CA GLU D 22 -18.76 32.32 17.24
C GLU D 22 -17.69 31.21 17.14
N ALA D 23 -17.84 30.15 17.93
CA ALA D 23 -16.93 29.01 17.96
C ALA D 23 -17.29 28.03 16.83
N PRO D 24 -16.31 27.27 16.30
CA PRO D 24 -16.76 26.33 15.23
C PRO D 24 -17.60 25.13 15.81
N ALA D 25 -18.23 24.31 14.96
CA ALA D 25 -19.01 23.15 15.44
C ALA D 25 -18.58 21.87 14.75
N ALA D 26 -18.77 20.76 15.45
CA ALA D 26 -18.42 19.42 14.91
C ALA D 26 -19.47 18.39 15.18
N VAL D 27 -19.62 17.47 14.25
CA VAL D 27 -20.45 16.29 14.50
C VAL D 27 -19.51 15.14 14.76
N VAL D 28 -19.75 14.39 15.83
CA VAL D 28 -19.00 13.15 16.04
C VAL D 28 -19.99 12.00 16.05
N THR D 29 -19.84 11.04 15.13
CA THR D 29 -20.80 9.90 15.16
C THR D 29 -20.37 8.87 16.17
N GLY D 30 -21.35 8.19 16.78
CA GLY D 30 -21.04 7.22 17.86
C GLY D 30 -20.18 7.79 18.97
N ALA D 31 -20.59 8.98 19.44
CA ALA D 31 -19.80 9.82 20.34
C ALA D 31 -20.17 9.62 21.82
N ALA D 32 -21.04 8.67 22.15
CA ALA D 32 -21.47 8.47 23.56
C ALA D 32 -20.38 7.87 24.41
N LYS D 33 -19.55 7.00 23.81
CA LYS D 33 -18.69 6.17 24.63
C LYS D 33 -17.33 6.06 23.94
N ARG D 34 -16.33 5.59 24.71
CA ARG D 34 -15.07 5.09 24.15
C ARG D 34 -14.38 6.13 23.29
N ILE D 35 -13.99 5.74 22.06
CA ILE D 35 -13.16 6.66 21.30
C ILE D 35 -13.95 7.90 20.84
N GLY D 36 -15.16 7.71 20.32
CA GLY D 36 -16.01 8.86 19.91
C GLY D 36 -16.19 9.91 21.03
N ARG D 37 -16.44 9.43 22.24
CA ARG D 37 -16.55 10.32 23.41
C ARG D 37 -15.25 11.11 23.67
N ALA D 38 -14.09 10.43 23.71
CA ALA D 38 -12.83 11.14 23.85
C ALA D 38 -12.61 12.16 22.72
N ILE D 39 -13.09 11.85 21.50
CA ILE D 39 -12.93 12.78 20.41
C ILE D 39 -13.82 14.02 20.64
N ALA D 40 -15.07 13.79 21.03
CA ALA D 40 -16.01 14.91 21.29
C ALA D 40 -15.47 15.76 22.46
N VAL D 41 -14.98 15.09 23.50
CA VAL D 41 -14.39 15.82 24.69
C VAL D 41 -13.25 16.74 24.25
N LYS D 42 -12.32 16.15 23.49
CA LYS D 42 -11.16 16.89 23.06
C LYS D 42 -11.51 17.97 22.06
N LEU D 43 -12.47 17.78 21.12
CA LEU D 43 -12.90 18.88 20.28
C LEU D 43 -13.47 20.04 21.15
N HIS D 44 -14.26 19.62 22.11
CA HIS D 44 -14.97 20.59 22.98
C HIS D 44 -13.94 21.44 23.77
N GLN D 45 -13.01 20.74 24.40
CA GLN D 45 -11.85 21.39 25.05
C GLN D 45 -11.01 22.30 24.15
N THR D 46 -11.03 22.08 22.83
CA THR D 46 -10.35 22.93 21.86
C THR D 46 -11.17 24.14 21.44
N GLY D 47 -12.44 24.21 21.83
CA GLY D 47 -13.28 25.36 21.53
C GLY D 47 -14.49 25.05 20.64
N TYR D 48 -14.64 23.78 20.25
CA TYR D 48 -15.74 23.40 19.36
C TYR D 48 -17.05 23.23 20.14
N ARG D 49 -18.14 23.63 19.49
CA ARG D 49 -19.48 23.15 19.93
C ARG D 49 -19.69 21.78 19.25
N VAL D 50 -20.35 20.86 19.94
CA VAL D 50 -20.44 19.46 19.44
C VAL D 50 -21.81 18.85 19.35
N VAL D 51 -22.06 18.17 18.22
CA VAL D 51 -23.19 17.20 18.15
C VAL D 51 -22.69 15.85 18.49
N ILE D 52 -23.33 15.25 19.48
CA ILE D 52 -23.03 13.96 19.99
C ILE D 52 -24.04 13.00 19.38
N HIS D 53 -23.70 12.45 18.21
CA HIS D 53 -24.54 11.41 17.58
C HIS D 53 -24.49 10.12 18.41
N TYR D 54 -25.62 9.43 18.54
CA TYR D 54 -25.65 8.12 19.19
C TYR D 54 -26.74 7.23 18.56
N HIS D 55 -26.68 5.93 18.82
CA HIS D 55 -27.71 5.01 18.35
C HIS D 55 -28.49 4.47 19.58
N ASN D 56 -27.90 3.55 20.34
CA ASN D 56 -28.56 2.94 21.49
C ASN D 56 -28.15 3.58 22.80
N SER D 57 -27.01 4.27 22.84
CA SER D 57 -26.45 4.75 24.13
C SER D 57 -27.00 6.12 24.54
N ALA D 58 -28.33 6.19 24.67
CA ALA D 58 -29.03 7.42 25.06
C ALA D 58 -28.58 8.03 26.39
N GLU D 59 -28.47 7.23 27.47
CA GLU D 59 -28.07 7.73 28.79
C GLU D 59 -26.64 8.30 28.80
N ALA D 60 -25.69 7.50 28.29
CA ALA D 60 -24.29 7.97 28.14
C ALA D 60 -24.19 9.24 27.30
N ALA D 61 -24.96 9.32 26.22
CA ALA D 61 -24.93 10.52 25.36
C ALA D 61 -25.41 11.79 26.14
N VAL D 62 -26.57 11.69 26.74
CA VAL D 62 -27.18 12.84 27.43
C VAL D 62 -26.21 13.28 28.59
N SER D 63 -25.64 12.29 29.27
CA SER D 63 -24.62 12.52 30.29
CA SER D 63 -24.64 12.56 30.31
C SER D 63 -23.40 13.32 29.82
N LEU D 64 -22.91 12.96 28.62
CA LEU D 64 -21.77 13.65 28.09
C LEU D 64 -22.17 15.07 27.74
N ALA D 65 -23.29 15.24 27.01
CA ALA D 65 -23.77 16.59 26.62
C ALA D 65 -23.97 17.48 27.86
N ASP D 66 -24.48 16.89 28.95
CA ASP D 66 -24.69 17.62 30.25
C ASP D 66 -23.36 18.11 30.84
N GLU D 67 -22.37 17.22 30.85
CA GLU D 67 -21.04 17.58 31.36
C GLU D 67 -20.37 18.65 30.54
N LEU D 68 -20.52 18.59 29.22
CA LEU D 68 -19.91 19.57 28.32
C LEU D 68 -20.59 20.91 28.44
N ASN D 69 -21.90 20.87 28.49
CA ASN D 69 -22.73 22.07 28.72
C ASN D 69 -22.49 22.73 30.12
N LYS D 70 -22.20 21.93 31.16
CA LYS D 70 -21.84 22.51 32.49
C LYS D 70 -20.55 23.29 32.39
N GLU D 71 -19.57 22.78 31.63
CA GLU D 71 -18.33 23.54 31.33
C GLU D 71 -18.54 24.84 30.49
N ARG D 72 -19.30 24.76 29.38
CA ARG D 72 -19.60 25.96 28.56
C ARG D 72 -21.00 25.82 28.06
N SER D 73 -21.92 26.62 28.61
CA SER D 73 -23.35 26.42 28.26
CA SER D 73 -23.35 26.47 28.27
C SER D 73 -23.66 26.53 26.76
N ASN D 74 -24.61 25.72 26.29
CA ASN D 74 -25.11 25.76 24.91
C ASN D 74 -24.06 25.37 23.85
N THR D 75 -23.23 24.40 24.21
CA THR D 75 -22.14 24.03 23.30
C THR D 75 -22.19 22.56 22.88
N ALA D 76 -23.22 21.83 23.33
CA ALA D 76 -23.38 20.39 23.07
C ALA D 76 -24.82 20.03 22.87
N VAL D 77 -25.08 19.27 21.80
CA VAL D 77 -26.39 18.58 21.67
C VAL D 77 -26.18 17.09 21.41
N VAL D 78 -27.21 16.27 21.64
CA VAL D 78 -27.26 14.88 21.17
C VAL D 78 -28.12 14.73 19.89
N CYS D 79 -27.85 13.69 19.11
CA CYS D 79 -28.68 13.40 17.89
C CYS D 79 -28.73 11.90 17.73
N GLN D 80 -29.93 11.28 17.78
CA GLN D 80 -30.03 9.84 17.71
C GLN D 80 -30.19 9.41 16.24
N ALA D 81 -29.48 8.38 15.79
CA ALA D 81 -29.79 7.79 14.48
C ALA D 81 -29.15 6.45 14.34
N ASP D 82 -29.91 5.56 13.70
CA ASP D 82 -29.42 4.27 13.25
C ASP D 82 -28.69 4.48 11.92
N LEU D 83 -27.45 4.00 11.86
CA LEU D 83 -26.61 4.17 10.65
C LEU D 83 -26.48 2.90 9.80
N THR D 84 -27.34 1.93 10.11
CA THR D 84 -27.49 0.75 9.24
C THR D 84 -27.95 1.17 7.85
N ASN D 85 -27.43 0.51 6.81
CA ASN D 85 -27.90 0.78 5.46
C ASN D 85 -29.41 0.42 5.26
N SER D 86 -30.12 1.34 4.59
CA SER D 86 -31.55 1.21 4.18
C SER D 86 -31.90 2.38 3.27
N ASN D 87 -33.06 2.30 2.63
CA ASN D 87 -33.53 3.44 1.86
C ASN D 87 -33.76 4.76 2.59
N VAL D 88 -33.84 4.71 3.93
CA VAL D 88 -33.95 5.96 4.70
CA VAL D 88 -33.98 5.88 4.81
C VAL D 88 -32.62 6.39 5.31
N LEU D 89 -31.56 5.60 5.07
CA LEU D 89 -30.25 6.08 5.59
C LEU D 89 -29.81 7.48 5.11
N PRO D 90 -30.06 7.84 3.84
CA PRO D 90 -29.67 9.19 3.44
C PRO D 90 -30.41 10.30 4.21
N ALA D 91 -31.70 10.09 4.48
CA ALA D 91 -32.43 11.07 5.29
C ALA D 91 -31.87 11.14 6.69
N SER D 92 -31.47 10.01 7.26
CA SER D 92 -30.92 10.03 8.64
C SER D 92 -29.64 10.79 8.70
N CYS D 93 -28.82 10.63 7.66
CA CYS D 93 -27.54 11.32 7.61
C CYS D 93 -27.71 12.79 7.35
N GLU D 94 -28.61 13.12 6.42
CA GLU D 94 -28.98 14.52 6.23
C GLU D 94 -29.43 15.15 7.54
N GLU D 95 -30.20 14.44 8.34
CA GLU D 95 -30.68 14.97 9.61
C GLU D 95 -29.58 15.16 10.64
N ILE D 96 -28.58 14.26 10.67
CA ILE D 96 -27.43 14.47 11.57
C ILE D 96 -26.74 15.81 11.30
N ILE D 97 -26.45 16.06 10.01
CA ILE D 97 -25.78 17.30 9.64
C ILE D 97 -26.75 18.47 9.93
N ASN D 98 -28.02 18.33 9.57
CA ASN D 98 -29.01 19.41 9.81
C ASN D 98 -29.07 19.75 11.31
N SER D 99 -28.95 18.74 12.20
CA SER D 99 -28.94 18.98 13.64
CA SER D 99 -28.94 18.99 13.64
C SER D 99 -27.80 19.90 14.09
N CYS D 100 -26.67 19.86 13.34
CA CYS D 100 -25.56 20.73 13.66
C CYS D 100 -25.90 22.13 13.33
N PHE D 101 -26.50 22.33 12.16
CA PHE D 101 -26.80 23.68 11.74
C PHE D 101 -27.92 24.26 12.62
N ARG D 102 -28.87 23.42 12.96
CA ARG D 102 -30.00 23.80 13.79
C ARG D 102 -29.56 24.26 15.18
N ALA D 103 -28.61 23.56 15.78
CA ALA D 103 -28.14 23.92 17.10
C ALA D 103 -27.13 25.07 17.02
N PHE D 104 -26.19 25.04 16.05
CA PHE D 104 -25.06 25.97 16.07
C PHE D 104 -24.90 26.93 14.87
N GLY D 105 -25.74 26.74 13.84
CA GLY D 105 -25.71 27.58 12.64
C GLY D 105 -24.53 27.37 11.72
N ARG D 106 -23.71 26.36 12.03
CA ARG D 106 -22.55 26.01 11.17
C ARG D 106 -22.18 24.56 11.39
N CYS D 107 -21.35 24.01 10.50
CA CYS D 107 -20.83 22.68 10.74
C CYS D 107 -19.46 22.63 10.05
N ASP D 108 -18.42 22.57 10.88
CA ASP D 108 -17.05 22.80 10.40
C ASP D 108 -16.31 21.48 10.26
N VAL D 109 -16.68 20.55 11.12
CA VAL D 109 -15.96 19.29 11.21
C VAL D 109 -16.96 18.13 11.26
N LEU D 110 -16.72 17.09 10.47
CA LEU D 110 -17.45 15.82 10.61
C LEU D 110 -16.42 14.78 11.05
N VAL D 111 -16.73 14.06 12.10
CA VAL D 111 -15.93 12.87 12.48
C VAL D 111 -16.77 11.61 12.31
N ASN D 112 -16.41 10.76 11.33
CA ASN D 112 -17.10 9.49 11.10
C ASN D 112 -16.45 8.44 11.97
N ASN D 113 -17.01 8.19 13.15
CA ASN D 113 -16.40 7.37 14.12
C ASN D 113 -17.30 6.10 14.40
N ALA D 114 -18.64 6.21 14.28
CA ALA D 114 -19.51 5.08 14.55
C ALA D 114 -19.12 3.81 13.73
N SER D 115 -19.30 2.64 14.33
CA SER D 115 -18.83 1.41 13.70
C SER D 115 -19.48 0.22 14.32
N ALA D 116 -19.94 -0.68 13.46
CA ALA D 116 -20.37 -2.02 13.81
C ALA D 116 -19.18 -2.91 13.55
N PHE D 117 -19.03 -3.90 14.42
CA PHE D 117 -17.85 -4.76 14.42
C PHE D 117 -18.23 -6.07 15.01
N TYR D 118 -18.23 -7.10 14.18
CA TYR D 118 -18.52 -8.46 14.65
C TYR D 118 -18.13 -9.43 13.49
N PRO D 119 -17.83 -10.71 13.80
CA PRO D 119 -17.43 -11.67 12.75
C PRO D 119 -18.60 -11.99 11.82
N THR D 120 -18.29 -12.23 10.54
CA THR D 120 -19.27 -12.71 9.55
C THR D 120 -18.55 -13.81 8.75
N PRO D 121 -18.43 -15.04 9.32
CA PRO D 121 -17.63 -16.09 8.67
C PRO D 121 -18.20 -16.44 7.32
N LEU D 122 -17.31 -16.77 6.36
CA LEU D 122 -17.77 -17.13 4.99
C LEU D 122 -18.34 -18.53 4.98
N VAL D 123 -17.84 -19.43 5.84
CA VAL D 123 -18.31 -20.86 5.87
C VAL D 123 -18.98 -21.21 7.21
N LYS D 134 -29.08 -13.05 13.16
CA LYS D 134 -28.92 -12.01 12.15
C LYS D 134 -28.76 -12.61 10.77
N THR D 135 -29.59 -12.17 9.82
CA THR D 135 -29.53 -12.71 8.45
C THR D 135 -28.32 -12.04 7.75
N VAL D 136 -27.85 -12.65 6.67
CA VAL D 136 -26.72 -12.04 5.94
C VAL D 136 -27.08 -10.63 5.45
N GLU D 137 -28.30 -10.40 4.95
CA GLU D 137 -28.74 -9.03 4.57
C GLU D 137 -28.62 -7.96 5.68
N THR D 138 -28.95 -8.31 6.91
CA THR D 138 -28.78 -7.45 8.06
C THR D 138 -27.31 -7.17 8.37
N GLN D 139 -26.47 -8.22 8.36
CA GLN D 139 -25.02 -8.08 8.60
C GLN D 139 -24.41 -7.14 7.56
N VAL D 140 -24.81 -7.29 6.31
CA VAL D 140 -24.28 -6.41 5.26
C VAL D 140 -24.78 -4.97 5.56
N ALA D 141 -26.09 -4.84 5.85
CA ALA D 141 -26.65 -3.51 6.09
C ALA D 141 -25.93 -2.82 7.25
N GLU D 142 -25.56 -3.59 8.26
CA GLU D 142 -24.93 -3.02 9.45
C GLU D 142 -23.47 -2.71 9.28
N LEU D 143 -22.71 -3.70 8.84
CA LEU D 143 -21.28 -3.52 8.76
C LEU D 143 -20.88 -2.61 7.59
N ILE D 144 -21.53 -2.74 6.43
CA ILE D 144 -21.23 -1.84 5.28
C ILE D 144 -21.92 -0.48 5.48
N GLY D 145 -23.13 -0.50 6.01
CA GLY D 145 -23.80 0.78 6.38
C GLY D 145 -23.01 1.69 7.28
N THR D 146 -22.70 1.22 8.48
CA THR D 146 -22.12 2.06 9.53
C THR D 146 -20.73 2.47 9.11
N ASN D 147 -19.95 1.53 8.55
CA ASN D 147 -18.53 1.77 8.29
C ASN D 147 -18.23 2.52 7.01
N ALA D 148 -19.14 2.49 6.04
CA ALA D 148 -18.82 2.97 4.68
C ALA D 148 -19.98 3.84 4.12
N ILE D 149 -21.19 3.32 4.10
CA ILE D 149 -22.28 4.02 3.41
CA ILE D 149 -22.30 4.02 3.44
C ILE D 149 -22.70 5.29 4.19
N ALA D 150 -22.83 5.17 5.50
CA ALA D 150 -23.23 6.32 6.36
C ALA D 150 -22.14 7.40 6.29
N PRO D 151 -20.85 6.98 6.41
CA PRO D 151 -19.82 7.99 6.10
C PRO D 151 -19.94 8.73 4.80
N PHE D 152 -20.29 8.01 3.73
CA PHE D 152 -20.40 8.60 2.42
C PHE D 152 -21.56 9.60 2.36
N LEU D 153 -22.68 9.19 2.92
CA LEU D 153 -23.90 10.03 2.95
C LEU D 153 -23.74 11.25 3.84
N LEU D 154 -23.09 11.05 5.01
CA LEU D 154 -22.77 12.18 5.89
C LEU D 154 -21.83 13.17 5.23
N THR D 155 -20.81 12.63 4.54
CA THR D 155 -19.93 13.44 3.69
C THR D 155 -20.70 14.24 2.65
N MET D 156 -21.59 13.56 1.88
CA MET D 156 -22.47 14.27 0.91
CA MET D 156 -22.46 14.26 0.93
C MET D 156 -23.26 15.41 1.57
N SER D 157 -23.98 15.10 2.64
CA SER D 157 -24.81 16.08 3.32
C SER D 157 -23.94 17.21 3.89
N PHE D 158 -22.81 16.86 4.54
CA PHE D 158 -21.82 17.85 4.97
C PHE D 158 -21.41 18.82 3.85
N ALA D 159 -21.04 18.28 2.67
CA ALA D 159 -20.53 19.11 1.61
C ALA D 159 -21.62 19.97 0.97
N GLN D 160 -22.83 19.39 0.87
CA GLN D 160 -23.97 20.06 0.23
C GLN D 160 -24.39 21.27 1.06
N ARG D 161 -24.38 21.19 2.40
CA ARG D 161 -24.64 22.38 3.26
C ARG D 161 -23.59 23.52 3.20
N GLN D 162 -22.33 23.20 2.91
CA GLN D 162 -21.31 24.24 2.69
C GLN D 162 -21.46 24.96 1.33
N SER D 172 -11.96 29.85 7.13
CA SER D 172 -12.68 28.62 7.52
C SER D 172 -11.80 27.37 7.30
N ASN D 173 -11.90 26.45 8.26
CA ASN D 173 -11.08 25.26 8.27
C ASN D 173 -12.03 24.07 8.37
N LEU D 174 -12.60 23.74 7.21
CA LEU D 174 -13.57 22.63 7.17
C LEU D 174 -12.85 21.30 7.00
N SER D 175 -13.25 20.26 7.72
CA SER D 175 -12.64 18.95 7.43
C SER D 175 -13.41 17.77 8.01
N ILE D 176 -13.12 16.62 7.42
CA ILE D 176 -13.81 15.42 7.80
C ILE D 176 -12.70 14.52 8.22
N VAL D 177 -12.89 13.81 9.33
CA VAL D 177 -11.96 12.77 9.72
C VAL D 177 -12.70 11.42 9.83
N ASN D 178 -12.26 10.43 9.06
CA ASN D 178 -12.81 9.05 9.11
C ASN D 178 -11.99 8.13 9.96
N LEU D 179 -12.60 7.39 10.91
CA LEU D 179 -11.87 6.45 11.71
C LEU D 179 -11.76 5.17 10.92
N CYS D 180 -10.53 4.88 10.50
CA CYS D 180 -10.19 3.76 9.67
C CYS D 180 -9.67 2.61 10.56
N ASP D 181 -8.83 1.75 10.04
CA ASP D 181 -8.36 0.64 10.83
C ASP D 181 -6.95 0.33 10.30
N ALA D 182 -5.96 0.42 11.18
CA ALA D 182 -4.55 0.22 10.73
C ALA D 182 -4.31 -1.24 10.22
N MET D 183 -5.14 -2.15 10.66
CA MET D 183 -4.98 -3.58 10.38
C MET D 183 -5.75 -4.08 9.13
N VAL D 184 -6.16 -3.15 8.27
CA VAL D 184 -7.11 -3.42 7.16
C VAL D 184 -6.47 -4.39 6.12
N ASP D 185 -5.14 -4.36 6.04
CA ASP D 185 -4.46 -5.31 5.15
C ASP D 185 -3.92 -6.54 5.88
N GLN D 186 -4.11 -6.62 7.21
CA GLN D 186 -3.79 -7.84 7.95
C GLN D 186 -4.99 -8.18 8.82
N PRO D 187 -6.13 -8.39 8.17
CA PRO D 187 -7.43 -8.61 8.83
C PRO D 187 -7.60 -9.78 9.81
N CSX D 188 -8.58 -9.62 10.70
CA CSX D 188 -8.93 -10.61 11.70
CB CSX D 188 -9.75 -9.95 12.81
SG CSX D 188 -8.63 -9.02 13.90
C CSX D 188 -9.77 -11.63 11.00
O CSX D 188 -10.77 -11.29 10.33
OD CSX D 188 -8.05 -10.02 14.81
N MET D 189 -9.37 -12.87 11.13
CA MET D 189 -10.04 -14.00 10.50
C MET D 189 -11.55 -13.96 10.71
N ALA D 190 -12.28 -14.15 9.63
CA ALA D 190 -13.78 -14.15 9.65
C ALA D 190 -14.45 -12.77 9.78
N PHE D 191 -13.70 -11.69 9.49
CA PHE D 191 -14.25 -10.36 9.60
C PHE D 191 -14.36 -9.70 8.21
N SER D 192 -14.77 -10.50 7.20
CA SER D 192 -14.77 -10.07 5.78
CA SER D 192 -14.71 -10.02 5.81
C SER D 192 -15.59 -8.79 5.62
N LEU D 193 -16.79 -8.78 6.20
CA LEU D 193 -17.68 -7.65 5.90
C LEU D 193 -17.17 -6.38 6.58
N TYR D 194 -16.73 -6.53 7.82
CA TYR D 194 -16.15 -5.41 8.55
C TYR D 194 -14.97 -4.87 7.73
N ASN D 195 -14.07 -5.77 7.35
CA ASN D 195 -12.87 -5.38 6.58
CA ASN D 195 -12.88 -5.28 6.64
C ASN D 195 -13.20 -4.68 5.27
N MET D 196 -14.22 -5.20 4.59
CA MET D 196 -14.74 -4.59 3.35
C MET D 196 -15.19 -3.16 3.65
N GLY D 197 -15.94 -2.99 4.74
CA GLY D 197 -16.39 -1.67 5.06
C GLY D 197 -15.25 -0.69 5.30
N LYS D 198 -14.27 -1.09 6.09
CA LYS D 198 -13.17 -0.18 6.36
C LYS D 198 -12.33 0.05 5.13
N HIS D 199 -12.19 -0.95 4.25
CA HIS D 199 -11.47 -0.68 2.99
C HIS D 199 -12.26 0.34 2.16
N ALA D 200 -13.58 0.19 2.16
CA ALA D 200 -14.42 1.15 1.43
C ALA D 200 -14.27 2.56 2.07
N LEU D 201 -14.04 2.61 3.37
CA LEU D 201 -13.86 3.93 4.03
C LEU D 201 -12.54 4.64 3.60
N VAL D 202 -11.49 3.83 3.37
CA VAL D 202 -10.23 4.35 2.76
C VAL D 202 -10.52 4.95 1.37
N GLY D 203 -11.23 4.18 0.55
CA GLY D 203 -11.67 4.61 -0.76
C GLY D 203 -12.38 5.93 -0.63
N LEU D 204 -13.30 5.98 0.32
CA LEU D 204 -14.06 7.24 0.46
C LEU D 204 -13.14 8.43 0.85
N THR D 205 -12.25 8.20 1.84
CA THR D 205 -11.32 9.23 2.32
C THR D 205 -10.54 9.80 1.10
N GLN D 206 -10.03 8.91 0.26
CA GLN D 206 -9.30 9.37 -0.95
C GLN D 206 -10.19 10.11 -1.97
N SER D 207 -11.33 9.52 -2.31
CA SER D 207 -12.22 10.07 -3.31
C SER D 207 -12.81 11.40 -2.86
N ALA D 208 -13.26 11.45 -1.62
CA ALA D 208 -13.82 12.71 -1.12
C ALA D 208 -12.74 13.79 -0.94
N ALA D 209 -11.54 13.41 -0.51
CA ALA D 209 -10.44 14.43 -0.43
C ALA D 209 -10.20 15.02 -1.82
N LEU D 210 -10.17 14.17 -2.84
CA LEU D 210 -9.98 14.69 -4.18
C LEU D 210 -11.13 15.65 -4.60
N GLU D 211 -12.35 15.19 -4.42
CA GLU D 211 -13.50 15.89 -4.98
C GLU D 211 -13.89 17.14 -4.16
N LEU D 212 -13.61 17.15 -2.86
CA LEU D 212 -13.95 18.29 -2.01
C LEU D 212 -12.82 19.33 -1.84
N ALA D 213 -11.60 18.99 -2.24
CA ALA D 213 -10.49 19.96 -2.14
C ALA D 213 -10.81 21.35 -2.78
N PRO D 214 -11.48 21.39 -3.97
CA PRO D 214 -11.82 22.75 -4.52
C PRO D 214 -12.84 23.50 -3.67
N TYR D 215 -13.54 22.84 -2.75
CA TYR D 215 -14.42 23.57 -1.77
C TYR D 215 -13.73 23.86 -0.44
N GLY D 216 -12.42 23.64 -0.40
CA GLY D 216 -11.58 23.84 0.82
C GLY D 216 -11.92 22.89 1.94
N ILE D 217 -12.53 21.75 1.60
CA ILE D 217 -12.84 20.75 2.64
C ILE D 217 -11.73 19.71 2.54
N ARG D 218 -11.05 19.44 3.64
CA ARG D 218 -10.00 18.42 3.70
C ARG D 218 -10.62 17.14 4.25
N VAL D 219 -10.12 15.99 3.82
CA VAL D 219 -10.72 14.72 4.29
C VAL D 219 -9.56 13.79 4.63
N ASN D 220 -9.53 13.30 5.85
CA ASN D 220 -8.38 12.47 6.26
C ASN D 220 -8.90 11.37 7.07
N GLY D 221 -7.99 10.48 7.53
CA GLY D 221 -8.32 9.35 8.36
C GLY D 221 -7.36 9.22 9.53
N VAL D 222 -7.80 8.56 10.60
CA VAL D 222 -6.98 8.16 11.73
C VAL D 222 -7.26 6.68 11.82
N ALA D 223 -6.20 5.86 11.88
CA ALA D 223 -6.36 4.42 11.83
C ALA D 223 -5.78 3.79 13.11
N PRO D 224 -6.64 3.49 14.11
CA PRO D 224 -6.19 2.77 15.30
C PRO D 224 -5.73 1.34 14.97
N GLY D 225 -4.77 0.83 15.72
CA GLY D 225 -4.51 -0.60 15.62
C GLY D 225 -5.36 -1.30 16.67
N VAL D 226 -4.78 -1.57 17.83
CA VAL D 226 -5.60 -1.96 19.00
C VAL D 226 -5.68 -0.73 19.92
N SER D 227 -6.90 -0.29 20.16
CA SER D 227 -7.16 0.75 21.11
C SER D 227 -8.14 0.07 22.08
N LEU D 228 -9.15 0.80 22.55
CA LEU D 228 -10.03 0.23 23.60
C LEU D 228 -10.59 -1.12 23.17
N LEU D 229 -10.18 -2.16 23.90
CA LEU D 229 -10.60 -3.55 23.60
C LEU D 229 -12.14 -3.75 23.79
N PRO D 230 -12.74 -4.77 23.12
CA PRO D 230 -14.21 -4.85 23.18
C PRO D 230 -14.65 -5.17 24.61
N VAL D 231 -15.77 -4.56 25.03
CA VAL D 231 -16.38 -4.78 26.34
C VAL D 231 -16.60 -6.30 26.58
N ALA D 232 -17.15 -6.99 25.57
CA ALA D 232 -17.35 -8.44 25.59
C ALA D 232 -16.08 -9.28 25.82
N MET D 233 -14.91 -8.70 25.56
CA MET D 233 -13.68 -9.48 25.61
C MET D 233 -13.22 -9.86 27.02
N GLY D 234 -12.89 -11.14 27.20
CA GLY D 234 -12.12 -11.58 28.37
C GLY D 234 -10.71 -11.00 28.48
N GLU D 235 -10.22 -10.94 29.72
CA GLU D 235 -8.94 -10.30 30.07
C GLU D 235 -7.66 -10.97 29.57
N GLU D 236 -7.64 -12.31 29.57
CA GLU D 236 -6.52 -13.05 28.98
C GLU D 236 -6.39 -12.72 27.45
N GLU D 237 -7.51 -12.71 26.72
CA GLU D 237 -7.54 -12.28 25.31
C GLU D 237 -7.10 -10.82 25.08
N LYS D 238 -7.60 -9.89 25.91
CA LYS D 238 -7.11 -8.49 25.94
C LYS D 238 -5.57 -8.43 26.06
N ASP D 239 -5.03 -9.19 27.01
CA ASP D 239 -3.58 -9.31 27.15
C ASP D 239 -2.83 -9.91 25.98
N LYS D 240 -3.44 -10.91 25.32
CA LYS D 240 -2.91 -11.53 24.09
C LYS D 240 -2.64 -10.38 23.10
N TRP D 241 -3.66 -9.53 22.92
CA TRP D 241 -3.60 -8.42 21.97
C TRP D 241 -2.64 -7.31 22.37
N ARG D 242 -2.65 -6.97 23.66
CA ARG D 242 -1.69 -5.98 24.20
C ARG D 242 -0.24 -6.35 23.93
N ARG D 243 0.09 -7.64 24.17
CA ARG D 243 1.49 -8.12 24.10
C ARG D 243 2.08 -8.03 22.67
N LYS D 244 1.23 -7.88 21.68
CA LYS D 244 1.67 -7.82 20.27
CA LYS D 244 1.65 -7.81 20.27
C LYS D 244 2.15 -6.42 19.86
N VAL D 245 1.76 -5.39 20.62
CA VAL D 245 2.07 -3.98 20.27
C VAL D 245 3.55 -3.67 20.58
N PRO D 246 4.35 -3.32 19.56
CA PRO D 246 5.77 -2.99 19.79
C PRO D 246 5.97 -1.87 20.80
N LEU D 247 5.21 -0.78 20.68
CA LEU D 247 5.49 0.41 21.49
C LEU D 247 4.70 0.28 22.80
N GLY D 248 5.27 -0.38 23.79
CA GLY D 248 4.71 -0.41 25.14
C GLY D 248 3.87 -1.60 25.51
N ARG D 249 3.58 -2.50 24.55
CA ARG D 249 2.79 -3.70 24.87
C ARG D 249 1.47 -3.32 25.55
N ARG D 250 0.79 -2.30 24.99
CA ARG D 250 -0.44 -1.78 25.56
C ARG D 250 -1.22 -1.22 24.38
N GLU D 251 -2.54 -1.24 24.50
CA GLU D 251 -3.47 -0.64 23.55
C GLU D 251 -3.41 0.90 23.66
N ALA D 252 -3.87 1.60 22.63
CA ALA D 252 -3.99 3.05 22.61
C ALA D 252 -5.10 3.45 23.56
N SER D 253 -4.85 4.50 24.31
CA SER D 253 -5.95 5.14 25.05
C SER D 253 -6.88 5.81 24.02
N ALA D 254 -8.14 6.04 24.41
CA ALA D 254 -9.04 6.79 23.51
C ALA D 254 -8.49 8.21 23.27
N GLU D 255 -7.77 8.72 24.25
CA GLU D 255 -7.30 10.12 24.13
C GLU D 255 -6.16 10.19 23.11
N GLN D 256 -5.42 9.10 22.98
CA GLN D 256 -4.30 9.09 22.04
C GLN D 256 -4.85 9.06 20.58
N ILE D 257 -5.94 8.36 20.37
CA ILE D 257 -6.63 8.37 19.04
C ILE D 257 -7.19 9.79 18.77
N ALA D 258 -7.84 10.34 19.80
CA ALA D 258 -8.43 11.68 19.71
C ALA D 258 -7.38 12.68 19.39
N ASP D 259 -6.19 12.54 19.94
CA ASP D 259 -5.10 13.50 19.71
C ASP D 259 -4.79 13.61 18.20
N ALA D 260 -4.83 12.48 17.47
CA ALA D 260 -4.56 12.52 16.01
C ALA D 260 -5.69 13.26 15.25
N VAL D 261 -6.91 13.09 15.77
CA VAL D 261 -8.10 13.69 15.17
C VAL D 261 -7.98 15.19 15.35
N ILE D 262 -7.59 15.62 16.56
CA ILE D 262 -7.40 17.03 16.84
C ILE D 262 -6.37 17.66 15.89
N PHE D 263 -5.26 16.96 15.70
CA PHE D 263 -4.23 17.44 14.79
C PHE D 263 -4.82 17.64 13.40
N LEU D 264 -5.57 16.66 12.90
CA LEU D 264 -6.07 16.72 11.52
C LEU D 264 -7.09 17.83 11.27
N VAL D 265 -7.83 18.22 12.31
CA VAL D 265 -8.82 19.30 12.06
C VAL D 265 -8.18 20.65 12.27
N SER D 266 -7.01 20.64 12.93
CA SER D 266 -6.36 21.86 13.41
C SER D 266 -5.76 22.64 12.28
N GLY D 267 -5.44 23.91 12.56
CA GLY D 267 -4.67 24.77 11.66
C GLY D 267 -3.29 24.27 11.24
N SER D 268 -2.69 23.40 12.04
CA SER D 268 -1.41 22.76 11.67
C SER D 268 -1.51 21.60 10.66
N ALA D 269 -2.69 21.39 10.10
CA ALA D 269 -2.84 20.31 9.09
C ALA D 269 -3.49 20.83 7.83
N GLN D 270 -3.36 22.15 7.62
CA GLN D 270 -4.05 22.85 6.53
C GLN D 270 -3.66 22.45 5.11
N TYR D 271 -2.54 21.76 4.98
CA TYR D 271 -2.15 21.27 3.66
C TYR D 271 -2.31 19.71 3.56
N ILE D 272 -2.94 19.10 4.56
CA ILE D 272 -3.06 17.68 4.65
C ILE D 272 -4.47 17.27 4.19
N THR D 273 -4.54 16.56 3.07
CA THR D 273 -5.84 15.92 2.72
C THR D 273 -5.58 14.55 2.06
N GLY D 274 -6.47 13.61 2.34
CA GLY D 274 -6.36 12.25 1.77
C GLY D 274 -5.34 11.41 2.49
N SER D 275 -4.90 11.85 3.63
CA SER D 275 -3.86 11.12 4.41
C SER D 275 -4.54 10.33 5.47
N ILE D 276 -3.97 9.16 5.81
CA ILE D 276 -4.48 8.38 6.87
C ILE D 276 -3.33 8.18 7.91
N ILE D 277 -3.53 8.65 9.14
CA ILE D 277 -2.49 8.55 10.16
C ILE D 277 -2.73 7.29 10.95
N LYS D 278 -1.80 6.32 10.87
CA LYS D 278 -1.87 5.15 11.78
C LYS D 278 -1.48 5.62 13.15
N VAL D 279 -2.25 5.16 14.14
CA VAL D 279 -2.00 5.43 15.57
C VAL D 279 -2.06 4.04 16.22
N ASP D 280 -1.02 3.25 15.98
CA ASP D 280 -1.13 1.81 16.23
C ASP D 280 0.06 1.26 16.98
N GLY D 281 0.94 2.13 17.47
CA GLY D 281 2.12 1.62 18.24
C GLY D 281 3.00 0.61 17.54
N GLY D 282 2.95 0.63 16.19
CA GLY D 282 3.75 -0.25 15.39
C GLY D 282 3.11 -1.59 15.06
N LEU D 283 1.91 -1.86 15.58
CA LEU D 283 1.27 -3.18 15.48
C LEU D 283 1.20 -3.66 13.99
N SER D 284 0.88 -2.74 13.07
CA SER D 284 0.77 -3.16 11.63
C SER D 284 2.13 -3.55 11.05
N LEU D 285 3.21 -3.31 11.78
CA LEU D 285 4.54 -3.59 11.23
C LEU D 285 4.99 -4.97 11.56
N VAL D 286 4.25 -5.65 12.44
CA VAL D 286 4.69 -6.92 13.09
C VAL D 286 4.26 -8.10 12.19
N HIS D 287 5.22 -8.93 11.72
CA HIS D 287 4.87 -10.15 10.91
C HIS D 287 4.20 -11.23 11.77
N ALA D 288 3.55 -12.19 11.10
CA ALA D 288 2.84 -13.30 11.75
C ALA D 288 3.71 -14.07 12.74
PA NAP E . 19.77 -16.85 -1.62
O1A NAP E . 20.01 -18.32 -1.78
O2A NAP E . 19.77 -16.28 -0.24
O5B NAP E . 20.81 -15.97 -2.52
C5B NAP E . 20.90 -16.25 -3.90
C4B NAP E . 22.29 -15.95 -4.42
O4B NAP E . 22.63 -14.61 -4.15
C3B NAP E . 23.44 -16.71 -3.74
O3B NAP E . 23.43 -18.07 -4.13
C2B NAP E . 24.66 -15.87 -4.18
O2B NAP E . 25.47 -16.48 -5.17
C1B NAP E . 23.98 -14.52 -4.59
N9A NAP E . 24.71 -13.51 -3.84
C8A NAP E . 24.79 -13.29 -2.47
N7A NAP E . 25.67 -12.26 -2.21
C5A NAP E . 26.21 -11.91 -3.41
C6A NAP E . 27.21 -10.95 -3.89
N6A NAP E . 27.83 -10.15 -3.01
N1A NAP E . 27.46 -10.90 -5.22
C2A NAP E . 26.81 -11.67 -6.14
N3A NAP E . 25.89 -12.60 -5.81
C4A NAP E . 25.56 -12.73 -4.48
O3 NAP E . 18.41 -16.52 -2.43
PN NAP E . 17.09 -17.43 -2.40
O1N NAP E . 17.16 -18.44 -3.48
O2N NAP E . 16.82 -17.79 -0.99
O5D NAP E . 15.99 -16.26 -2.87
C5D NAP E . 15.99 -15.76 -4.19
C4D NAP E . 15.49 -14.32 -4.21
O4D NAP E . 14.24 -14.30 -3.54
C3D NAP E . 16.42 -13.38 -3.44
O3D NAP E . 16.40 -12.15 -4.15
C2D NAP E . 15.71 -13.22 -2.10
O2D NAP E . 16.04 -11.98 -1.48
C1D NAP E . 14.25 -13.36 -2.43
N1N NAP E . 13.52 -13.89 -1.27
C2N NAP E . 13.65 -15.18 -0.92
C3N NAP E . 12.91 -15.69 0.15
C7N NAP E . 13.11 -17.10 0.60
O7N NAP E . 12.28 -17.62 1.33
N7N NAP E . 14.22 -17.77 0.28
C4N NAP E . 12.06 -14.84 0.88
C5N NAP E . 11.96 -13.50 0.47
C6N NAP E . 12.69 -13.07 -0.62
P2B NAP E . 26.66 -17.57 -4.81
O1X NAP E . 25.92 -18.72 -4.25
O2X NAP E . 27.70 -16.90 -3.98
O3X NAP E . 27.17 -17.83 -6.23
C ACT F . 20.08 -26.23 -5.92
O ACT F . 21.13 -26.77 -6.44
OXT ACT F . 20.03 -25.58 -4.82
CH3 ACT F . 18.80 -26.34 -6.62
CAN 6JM G . 11.69 -14.75 5.00
CAO 6JM G . 10.61 -14.67 5.88
OAQ 6JM G . 9.74 -13.62 5.85
CAP 6JM G . 10.41 -15.67 6.87
OAR 6JM G . 9.33 -15.49 7.71
CAK 6JM G . 11.30 -16.75 6.96
CAL 6JM G . 12.37 -16.83 6.05
CAM 6JM G . 12.58 -15.84 5.05
CAJ 6JM G . 13.67 -15.88 4.14
OAG 6JM G . 14.03 -14.66 3.62
CAF 6JM G . 15.09 -14.55 2.72
CAA 6JM G . 15.35 -13.30 2.21
CAB 6JM G . 16.41 -13.17 1.33
CAC 6JM G . 17.20 -14.24 0.95
OAU 6JM G . 18.22 -13.97 0.10
CAD 6JM G . 16.94 -15.53 1.46
CAE 6JM G . 15.90 -15.66 2.39
CAH 6JM G . 15.59 -16.92 2.91
OAT 6JM G . 16.26 -17.92 2.59
CAI 6JM G . 14.47 -16.99 3.76
OAS 6JM G . 14.07 -18.21 4.10
PA NAP H . -18.50 -3.64 -18.12
O1A NAP H . -18.49 -3.99 -19.55
O2A NAP H . -18.55 -2.27 -17.47
O5B NAP H . -19.51 -4.57 -17.23
C5B NAP H . -19.46 -5.99 -17.15
C4B NAP H . -20.88 -6.52 -17.04
O4B NAP H . -21.28 -6.17 -15.75
C3B NAP H . -22.00 -5.88 -17.89
O3B NAP H . -21.99 -6.32 -19.25
C2B NAP H . -23.28 -6.22 -17.11
O2B NAP H . -24.02 -7.34 -17.68
C1B NAP H . -22.67 -6.53 -15.72
N9A NAP H . -23.43 -5.72 -14.78
C8A NAP H . -23.51 -4.36 -14.69
N7A NAP H . -24.43 -4.04 -13.76
C5A NAP H . -24.98 -5.23 -13.27
C6A NAP H . -26.01 -5.66 -12.26
N6A NAP H . -26.69 -4.72 -11.53
N1A NAP H . -26.23 -6.99 -12.12
C2A NAP H . -25.55 -7.95 -12.79
N3A NAP H . -24.57 -7.64 -13.74
C4A NAP H . -24.31 -6.33 -13.98
O3 NAP H . -17.15 -4.35 -17.57
PN NAP H . -15.73 -4.40 -18.32
O1N NAP H . -15.70 -5.52 -19.32
O2N NAP H . -15.30 -3.05 -18.84
O5D NAP H . -14.72 -4.77 -17.10
C5D NAP H . -14.73 -6.03 -16.45
C4D NAP H . -14.21 -5.83 -15.03
O4D NAP H . -12.94 -5.08 -15.01
C3D NAP H . -15.20 -5.00 -14.23
O3D NAP H . -15.20 -5.49 -12.88
C2D NAP H . -14.59 -3.61 -14.18
O2D NAP H . -14.92 -2.83 -13.03
C1D NAP H . -13.10 -3.91 -14.17
N1N NAP H . -12.38 -2.78 -14.77
C2N NAP H . -12.50 -2.52 -16.07
C3N NAP H . -11.81 -1.44 -16.68
C7N NAP H . -11.92 -1.18 -18.16
O7N NAP H . -11.09 -0.36 -18.58
N7N NAP H . -12.76 -1.87 -18.98
C4N NAP H . -10.98 -0.66 -15.85
C5N NAP H . -10.84 -0.97 -14.48
C6N NAP H . -11.58 -2.03 -13.95
P2B NAP H . -25.16 -7.24 -18.83
O1X NAP H . -24.42 -6.67 -20.00
O2X NAP H . -26.21 -6.38 -18.18
O3X NAP H . -25.52 -8.69 -18.93
CAN 6JM I . -10.78 3.47 -16.25
CAO 6JM I . -9.73 4.39 -16.17
OAQ 6JM I . -8.91 4.47 -15.04
CAP 6JM I . -9.50 5.26 -17.27
OAR 6JM I . -8.46 6.14 -17.17
CAK 6JM I . -10.31 5.19 -18.42
CAL 6JM I . -11.36 4.27 -18.47
CAM 6JM I . -11.60 3.39 -17.40
CAJ 6JM I . -12.65 2.46 -17.39
OAG 6JM I . -13.06 2.04 -16.11
CAF 6JM I . -14.06 1.10 -15.94
CAA 6JM I . -14.30 0.62 -14.66
CAB 6JM I . -15.30 -0.29 -14.46
CAC 6JM I . -16.06 -0.77 -15.52
OAU 6JM I . -17.03 -1.70 -15.21
CAD 6JM I . -15.80 -0.31 -16.82
CAE 6JM I . -14.83 0.66 -17.03
CAH 6JM I . -14.50 1.11 -18.31
OAT 6JM I . -15.10 0.68 -19.30
CAI 6JM I . -13.40 1.98 -18.47
OAS 6JM I . -13.03 2.28 -19.73
PA NAP J . 16.80 20.52 -0.10
O1A NAP J . 16.75 22.04 -0.04
O2A NAP J . 16.82 19.80 -1.44
O5B NAP J . 18.07 20.03 0.77
C5B NAP J . 18.09 20.10 2.20
C4B NAP J . 19.54 20.17 2.65
O4B NAP J . 20.17 18.91 2.44
C3B NAP J . 20.43 21.12 1.83
O3B NAP J . 20.28 22.49 2.23
C2B NAP J . 21.83 20.55 2.03
O2B NAP J . 22.62 21.20 3.01
C1B NAP J . 21.56 19.14 2.56
N9A NAP J . 22.35 18.23 1.69
C8A NAP J . 22.17 17.94 0.39
N7A NAP J . 23.12 17.06 -0.03
C5A NAP J . 23.95 16.81 1.03
C6A NAP J . 25.18 16.02 1.29
N6A NAP J . 25.75 15.26 0.34
N1A NAP J . 25.70 16.09 2.55
C2A NAP J . 25.12 16.83 3.54
N3A NAP J . 24.00 17.60 3.39
C4A NAP J . 23.43 17.62 2.16
O3 NAP J . 15.62 19.90 0.83
PN NAP J . 14.16 20.54 0.97
O1N NAP J . 14.17 21.63 2.00
O2N NAP J . 13.67 20.79 -0.43
O5D NAP J . 13.35 19.26 1.57
C5D NAP J . 13.65 18.64 2.82
C4D NAP J . 13.23 17.18 2.72
O4D NAP J . 11.90 16.97 2.09
C3D NAP J . 14.21 16.43 1.86
O3D NAP J . 14.44 15.21 2.53
C2D NAP J . 13.48 16.19 0.55
O2D NAP J . 13.84 15.04 -0.22
C1D NAP J . 12.04 16.05 1.01
N1N NAP J . 11.15 16.44 -0.08
C2N NAP J . 11.00 17.77 -0.40
C3N NAP J . 10.14 18.17 -1.43
C7N NAP J . 9.98 19.63 -1.81
O7N NAP J . 8.99 19.97 -2.39
N7N NAP J . 10.92 20.55 -1.56
C4N NAP J . 9.46 17.15 -2.11
C5N NAP J . 9.60 15.81 -1.77
C6N NAP J . 10.47 15.46 -0.74
P2B NAP J . 23.70 22.40 2.78
O1X NAP J . 22.74 23.37 2.20
O2X NAP J . 24.75 21.92 1.79
O3X NAP J . 24.22 22.63 4.17
C ACT K . 27.76 27.79 17.46
O ACT K . 27.67 26.59 17.07
OXT ACT K . 28.27 28.09 18.57
CH3 ACT K . 27.17 28.87 16.59
PA NAP L . -17.19 1.05 19.15
O1A NAP L . -17.19 1.28 20.63
O2A NAP L . -17.06 -0.37 18.63
O5B NAP L . -18.42 1.78 18.38
C5B NAP L . -18.65 3.18 18.54
C4B NAP L . -20.12 3.51 18.42
O4B NAP L . -20.61 3.23 17.10
C3B NAP L . -21.01 2.69 19.36
O3B NAP L . -20.95 3.26 20.66
C2B NAP L . -22.39 2.74 18.68
O2B NAP L . -23.27 3.71 19.26
C1B NAP L . -22.02 3.16 17.22
N9A NAP L . -22.74 2.21 16.34
C8A NAP L . -22.63 0.86 16.21
N7A NAP L . -23.61 0.44 15.36
C5A NAP L . -24.33 1.53 14.97
C6A NAP L . -25.50 1.80 14.10
N6A NAP L . -26.08 0.82 13.42
N1A NAP L . -25.95 3.08 13.98
C2A NAP L . -25.32 4.13 14.64
N3A NAP L . -24.25 3.95 15.45
C4A NAP L . -23.76 2.68 15.64
O3 NAP L . -16.00 1.95 18.54
PN NAP L . -14.55 2.19 19.21
O1N NAP L . -14.64 3.38 20.09
O2N NAP L . -14.02 0.82 19.63
O5D NAP L . -13.71 2.71 17.90
C5D NAP L . -13.97 3.98 17.26
C4D NAP L . -13.58 3.95 15.79
O4D NAP L . -12.28 3.40 15.68
C3D NAP L . -14.48 2.97 15.02
O3D NAP L . -14.80 3.45 13.71
C2D NAP L . -13.68 1.65 14.93
O2D NAP L . -13.99 0.78 13.82
C1D NAP L . -12.28 2.20 14.89
N1N NAP L . -11.30 1.25 15.40
C2N NAP L . -11.21 0.98 16.70
C3N NAP L . -10.24 0.10 17.17
C7N NAP L . -10.19 -0.20 18.63
O7N NAP L . -9.24 -0.82 19.05
N7N NAP L . -11.21 0.21 19.42
C4N NAP L . -9.34 -0.50 16.27
C5N NAP L . -9.49 -0.23 14.92
C6N NAP L . -10.47 0.67 14.49
P2B NAP L . -24.28 3.46 20.56
O1X NAP L . -23.36 3.03 21.65
O2X NAP L . -25.24 2.40 20.05
O3X NAP L . -24.90 4.83 20.73
CAN 6JM M . -8.59 -4.59 16.63
CAO 6JM M . -7.43 -5.32 16.39
OAQ 6JM M . -6.70 -5.19 15.22
CAP 6JM M . -7.00 -6.26 17.34
OAR 6JM M . -5.85 -6.92 17.00
CAK 6JM M . -7.71 -6.45 18.54
CAL 6JM M . -8.89 -5.71 18.79
CAM 6JM M . -9.30 -4.75 17.83
CAJ 6JM M . -10.45 -4.00 17.96
OAG 6JM M . -11.01 -3.66 16.75
CAF 6JM M . -12.15 -2.91 16.66
CAA 6JM M . -12.59 -2.53 15.39
CAB 6JM M . -13.75 -1.80 15.32
CAC 6JM M . -14.47 -1.42 16.46
OAU 6JM M . -15.61 -0.70 16.31
CAD 6JM M . -14.01 -1.80 17.71
CAE 6JM M . -12.85 -2.58 17.83
CAH 6JM M . -12.34 -2.94 19.09
OAT 6JM M . -12.88 -2.59 20.16
CAI 6JM M . -11.14 -3.63 19.12
OAS 6JM M . -10.59 -3.86 20.31
#